data_8ZSV
#
_entry.id   8ZSV
#
_cell.length_a   1.00
_cell.length_b   1.00
_cell.length_c   1.00
_cell.angle_alpha   90.00
_cell.angle_beta   90.00
_cell.angle_gamma   90.00
#
_symmetry.space_group_name_H-M   'P 1'
#
loop_
_entity.id
_entity.type
_entity.pdbx_description
1 polymer 'Guanine nucleotide-binding protein G(s) subunit alpha isoforms short'
2 polymer 'Guanine nucleotide-binding protein G(I)/G(S)/G(T) subunit beta-1'
3 polymer 'Guanine nucleotide-binding protein G(I)/G(S)/G(O) subunit gamma-2'
4 polymer Nb35
5 polymer 'Soluble cytochrome b562,Trace amine-associated receptor 1'
6 non-polymer (4~{S})-4-(3-fluoranyl-2-methyl-phenyl)-1,3-oxazolidin-2-amine
#
loop_
_entity_poly.entity_id
_entity_poly.type
_entity_poly.pdbx_seq_one_letter_code
_entity_poly.pdbx_strand_id
1 'polypeptide(L)'
;MGSTVSAEDKAAAERSKMIDKNLREDGEKAAAATHRLLLLGADNSGKSTIVKQMRIYHGGSGGSGVNSGIFETKFQVDKV
NFHMFDVGAQRDERRKWIQCFNDVTAIIFVVDSSDYNRLQEALNDFKSIWNNRWLRTISVILFLNKQDLLAEKVLAGKSK
IEDYFPEFARYTTPEDATPEPGEDPRVTRAKYFIRDEFLRISTASGDGRHYCYPHFTCSVDTENARRIFNDCRDIIQRMH
LRQYELL
;
A
2 'polypeptide(L)'
;MGSLLQSELDQLRQEAEQLKNQIRDARKACADATLSQITNNIDPVGRIQMRTRRTLRGHLAKIYAMHWGTDSRLLVSASQ
DGKLIIWDSYTTNKVHAIPLRSSWVMTCAYAPSGNYVACGGLDNICSIYNLKTREGNVRVSRELAGHTGYLSCCRFLDDN
QIVTSSGDTTCALWDIETGQQTTTFTGHTGDVMSLSLAPDTRLFVSGACDASAKLWDVREGMCRQTFTGHESDINAICFF
PNGNAFATGSDDATCRLFDLRADQELMTYSHDNIICGITSVSFSKSGRLLLAGYDDFNCNVWDALKADRAGVLAGHDNRV
SCLGVTDDGMAVATGSWDSFLKIWN
;
B
3 'polypeptide(L)' MASNNTASIAQARKLVEQLKMEANIDRIKVSKAAADLMAYCEAHAKEDPLLTPVPASENPFREKKFFCAIL G
4 'polypeptide(L)'
;MQVQLQESGGGLVQPGGSLRLSCAASGFTFSNYKMNWVRQAPGKGLEWVSDISQSGASISYTGSVKGRFTISRDNAKNTL
YLQMNSLKPEDTAVYYCARCPAPFTRDCFDVTSTTYAYRGQGTQVTVSSHHHHHHEPEA
;
N
5 'polypeptide(L)'
;MKTIIALSYIFCLVFADYKDDDDKHHHHHHHHHHLEVLFQGPADLEDNWETLNDNLKVIEKADNAAQVKDALTKMRAAAL
DAQKATPPKLEDKSPDSPEMKDFRHGFDILVGQIDDALKLANEGKVKEAQAAAEQLKTTRNAYIQKYLMGQPGNGSAHLC
HAITNISHRNSDWSREVQASLYSLMSLIILATLVGNLIVIISISHFKQLHTPTNWLLHSMAIVDFLLGCLIMPCSMVRTV
ERCWYFGEILCKVHTSTDIMLSSASIFHLAFISIDRYCAVCDPLRYKAKINISTILVMILVSWSLPAVYAFGMIFLELNL
KGVEELYRSQVSDLGGCSPFFSKVSGVLAFMTSFYIPGSVMLFVYYRIYFIAKGQARSINRTNVQVGLEGKSQAPQSKET
KAAKTLGIMVGVFLVCWCPFFLCTVLDPFLGYVIPPSLNDALYWFGYLNSALNPMVYAFFYPWFRRALKMVLLGKIFQKD
SSRSKLFL
;
R
#
loop_
_chem_comp.id
_chem_comp.type
_chem_comp.name
_chem_comp.formula
A1D8X non-polymer (4~{S})-4-(3-fluoranyl-2-methyl-phenyl)-1,3-oxazolidin-2-amine 'C10 H11 F N2 O'
#
# COMPACT_ATOMS: atom_id res chain seq x y z
N SER A 6 11.98 5.93 -39.28
CA SER A 6 12.16 5.51 -37.90
C SER A 6 13.00 6.51 -37.11
N ALA A 7 13.47 7.55 -37.81
CA ALA A 7 14.15 8.65 -37.13
C ALA A 7 13.24 9.27 -36.08
N GLU A 8 11.93 9.34 -36.38
CA GLU A 8 10.96 9.72 -35.37
C GLU A 8 10.96 8.75 -34.20
N ASP A 9 11.16 7.46 -34.46
CA ASP A 9 11.24 6.48 -33.37
C ASP A 9 12.44 6.74 -32.47
N LYS A 10 13.57 7.09 -33.09
CA LYS A 10 14.80 7.39 -32.29
C LYS A 10 14.57 8.68 -31.51
N ALA A 11 13.89 9.66 -32.09
CA ALA A 11 13.60 10.90 -31.37
C ALA A 11 12.67 10.64 -30.19
N ALA A 12 11.64 9.83 -30.39
CA ALA A 12 10.72 9.48 -29.30
C ALA A 12 11.45 8.73 -28.20
N ALA A 13 12.34 7.82 -28.57
CA ALA A 13 13.11 7.07 -27.56
C ALA A 13 14.01 8.01 -26.76
N GLU A 14 14.65 8.97 -27.43
CA GLU A 14 15.50 9.91 -26.72
C GLU A 14 14.68 10.80 -25.78
N ARG A 15 13.50 11.23 -26.23
CA ARG A 15 12.64 12.02 -25.35
C ARG A 15 12.20 11.19 -24.16
N SER A 16 11.90 9.90 -24.37
CA SER A 16 11.53 9.03 -23.27
C SER A 16 12.70 8.87 -22.29
N LYS A 17 13.92 8.74 -22.81
CA LYS A 17 15.08 8.63 -21.92
C LYS A 17 15.27 9.88 -21.08
N MET A 18 15.16 11.06 -21.68
CA MET A 18 15.34 12.28 -20.90
C MET A 18 14.20 12.46 -19.90
N ILE A 19 12.98 12.08 -20.29
CA ILE A 19 11.85 12.12 -19.37
C ILE A 19 12.11 11.22 -18.18
N ASP A 20 12.57 9.99 -18.43
CA ASP A 20 12.86 9.06 -17.35
C ASP A 20 13.99 9.58 -16.47
N LYS A 21 14.97 10.26 -17.07
CA LYS A 21 16.04 10.88 -16.28
C LYS A 21 15.48 11.94 -15.33
N ASN A 22 14.56 12.77 -15.84
CA ASN A 22 13.93 13.77 -14.97
C ASN A 22 13.11 13.11 -13.87
N LEU A 23 12.39 12.04 -14.20
CA LEU A 23 11.65 11.29 -13.18
C LEU A 23 12.58 10.77 -12.09
N ARG A 24 13.71 10.16 -12.48
CA ARG A 24 14.64 9.64 -11.49
C ARG A 24 15.24 10.75 -10.64
N GLU A 25 15.59 11.87 -11.26
CA GLU A 25 16.14 12.99 -10.49
C GLU A 25 15.11 13.52 -9.50
N ASP A 26 13.87 13.67 -9.92
CA ASP A 26 12.81 14.10 -9.01
C ASP A 26 12.65 13.09 -7.87
N GLY A 27 12.75 11.80 -8.18
CA GLY A 27 12.63 10.79 -7.15
C GLY A 27 13.74 10.87 -6.12
N GLU A 28 14.98 11.02 -6.57
CA GLU A 28 16.07 11.19 -5.58
C GLU A 28 15.80 12.45 -4.76
N LYS A 29 15.61 13.59 -5.41
CA LYS A 29 15.48 14.83 -4.64
C LYS A 29 14.24 14.84 -3.76
N ALA A 30 13.26 13.97 -4.02
CA ALA A 30 12.07 13.91 -3.17
C ALA A 30 12.22 12.90 -2.04
N ALA A 31 12.44 11.63 -2.38
CA ALA A 31 12.55 10.57 -1.38
C ALA A 31 13.98 10.47 -0.85
N ALA A 32 14.42 11.55 -0.21
CA ALA A 32 15.73 11.57 0.42
C ALA A 32 15.70 12.65 1.49
N ALA A 33 15.73 12.24 2.76
CA ALA A 33 15.63 13.15 3.90
C ALA A 33 14.34 13.96 3.87
N THR A 34 13.30 13.41 3.25
CA THR A 34 11.98 14.01 3.23
C THR A 34 10.95 12.92 3.50
N HIS A 35 10.09 13.15 4.49
CA HIS A 35 9.12 12.17 4.93
C HIS A 35 7.72 12.77 4.93
N ARG A 36 6.74 11.96 4.57
CA ARG A 36 5.36 12.39 4.48
C ARG A 36 4.58 11.92 5.70
N LEU A 37 3.77 12.83 6.26
CA LEU A 37 3.00 12.57 7.47
C LEU A 37 1.55 12.95 7.23
N LEU A 38 0.64 12.23 7.88
CA LEU A 38 -0.78 12.52 7.81
C LEU A 38 -1.20 13.13 9.14
N LEU A 39 -1.53 14.42 9.11
CA LEU A 39 -2.02 15.12 10.30
C LEU A 39 -3.53 14.94 10.36
N LEU A 40 -3.99 14.12 11.30
CA LEU A 40 -5.40 13.78 11.40
C LEU A 40 -5.90 14.09 12.81
N GLY A 41 -7.16 14.51 12.89
CA GLY A 41 -7.75 14.85 14.16
C GLY A 41 -9.16 15.36 13.98
N ALA A 42 -9.72 15.90 15.06
CA ALA A 42 -11.07 16.43 15.06
C ALA A 42 -11.01 17.96 15.04
N ASP A 43 -12.18 18.57 14.89
CA ASP A 43 -12.25 20.03 14.85
C ASP A 43 -11.78 20.65 16.17
N ASN A 44 -12.19 20.06 17.29
CA ASN A 44 -11.78 20.59 18.59
C ASN A 44 -10.29 20.40 18.84
N SER A 45 -9.72 19.31 18.34
CA SER A 45 -8.31 19.03 18.56
C SER A 45 -7.44 20.08 17.87
N GLY A 46 -6.39 20.51 18.56
CA GLY A 46 -5.48 21.50 18.01
C GLY A 46 -4.52 20.92 17.00
N LYS A 47 -5.06 20.26 15.97
CA LYS A 47 -4.20 19.66 14.95
C LYS A 47 -3.40 20.73 14.21
N SER A 48 -4.02 21.86 13.90
CA SER A 48 -3.33 22.93 13.20
C SER A 48 -2.16 23.46 14.03
N THR A 49 -2.37 23.63 15.33
CA THR A 49 -1.34 24.17 16.22
C THR A 49 -0.57 23.05 16.91
N ILE A 50 0.12 22.25 16.09
CA ILE A 50 0.98 21.19 16.62
C ILE A 50 2.42 21.66 16.59
N VAL A 51 2.91 22.00 15.40
CA VAL A 51 4.35 22.41 15.27
C VAL A 51 4.43 23.93 15.11
N LYS A 52 4.92 24.62 16.15
CA LYS A 52 5.05 26.11 16.09
C LYS A 52 6.05 26.48 15.01
N GLN A 53 7.18 25.76 14.93
CA GLN A 53 8.23 26.08 13.93
C GLN A 53 7.86 25.42 12.60
N MET A 54 7.18 26.17 11.73
CA MET A 54 6.77 25.63 10.40
C MET A 54 6.29 24.17 10.57
N SER A 68 -7.18 24.31 -1.09
CA SER A 68 -8.61 24.32 -0.84
C SER A 68 -9.17 22.91 -0.64
N GLY A 69 -8.36 21.87 -0.76
CA GLY A 69 -8.83 20.52 -0.50
C GLY A 69 -7.92 19.70 0.38
N ILE A 70 -6.68 20.15 0.54
CA ILE A 70 -5.70 19.45 1.36
C ILE A 70 -4.57 20.40 1.66
N PHE A 71 -4.06 20.34 2.89
CA PHE A 71 -3.03 21.26 3.35
C PHE A 71 -1.66 20.61 3.18
N GLU A 72 -0.62 21.36 3.56
CA GLU A 72 0.74 20.78 3.54
C GLU A 72 1.68 21.65 4.38
N THR A 73 2.10 21.15 5.53
CA THR A 73 3.04 21.84 6.41
C THR A 73 4.41 21.21 6.26
N LYS A 74 5.41 22.04 5.97
CA LYS A 74 6.77 21.57 5.73
C LYS A 74 7.67 22.14 6.82
N PHE A 75 8.48 21.28 7.43
CA PHE A 75 9.41 21.69 8.46
C PHE A 75 10.60 20.75 8.48
N GLN A 76 11.71 21.24 9.02
CA GLN A 76 12.96 20.50 9.12
C GLN A 76 13.42 20.50 10.57
N VAL A 77 14.08 19.41 10.99
CA VAL A 77 14.63 19.38 12.33
C VAL A 77 16.14 19.17 12.29
N ASP A 78 16.57 17.98 11.87
CA ASP A 78 18.00 17.74 11.62
C ASP A 78 18.27 17.71 10.11
N LYS A 79 17.98 18.84 9.46
CA LYS A 79 18.04 18.98 8.01
C LYS A 79 17.22 17.91 7.27
N VAL A 80 16.26 17.30 7.95
CA VAL A 80 15.36 16.31 7.35
C VAL A 80 13.99 16.94 7.17
N ASN A 81 13.46 16.86 5.96
CA ASN A 81 12.17 17.48 5.64
C ASN A 81 11.02 16.59 6.05
N PHE A 82 9.96 17.21 6.56
CA PHE A 82 8.73 16.50 6.89
C PHE A 82 7.55 17.23 6.27
N HIS A 83 6.62 16.47 5.70
CA HIS A 83 5.44 17.01 5.04
C HIS A 83 4.19 16.47 5.74
N MET A 84 3.45 17.36 6.42
CA MET A 84 2.20 16.99 7.07
C MET A 84 1.04 17.36 6.14
N PHE A 85 0.14 16.39 5.92
CA PHE A 85 -1.00 16.58 5.03
C PHE A 85 -2.27 16.64 5.88
N ASP A 86 -2.84 17.83 6.00
CA ASP A 86 -4.05 18.07 6.79
C ASP A 86 -5.22 18.16 5.82
N VAL A 87 -5.94 17.06 5.68
CA VAL A 87 -7.10 16.99 4.79
C VAL A 87 -8.28 17.64 5.50
N GLY A 88 -8.60 18.88 5.13
CA GLY A 88 -9.63 19.62 5.84
C GLY A 88 -10.70 20.24 4.95
N ALA A 89 -11.07 19.55 3.87
CA ALA A 89 -12.13 20.03 3.00
C ALA A 89 -13.13 18.96 2.58
N GLN A 90 -12.85 17.69 2.85
CA GLN A 90 -13.80 16.64 2.50
C GLN A 90 -14.93 16.57 3.51
N ARG A 91 -15.89 15.69 3.26
CA ARG A 91 -17.00 15.49 4.17
C ARG A 91 -16.52 14.69 5.39
N ASP A 92 -17.47 14.31 6.25
CA ASP A 92 -17.14 13.54 7.45
C ASP A 92 -16.99 12.06 7.19
N GLU A 93 -17.23 11.59 5.97
CA GLU A 93 -17.02 10.19 5.60
C GLU A 93 -15.56 10.04 5.19
N ARG A 94 -14.80 9.32 6.00
CA ARG A 94 -13.34 9.28 5.91
C ARG A 94 -12.81 7.98 5.32
N ARG A 95 -13.67 6.98 5.11
CA ARG A 95 -13.20 5.64 4.82
C ARG A 95 -12.52 5.53 3.45
N LYS A 96 -12.82 6.44 2.52
CA LYS A 96 -12.30 6.27 1.13
C LYS A 96 -11.10 7.18 0.86
N TRP A 97 -11.16 8.44 1.24
CA TRP A 97 -10.03 9.31 0.93
C TRP A 97 -8.83 9.06 1.83
N ILE A 98 -8.98 8.27 2.89
CA ILE A 98 -7.86 7.99 3.78
C ILE A 98 -6.99 6.85 3.27
N GLN A 99 -7.46 6.06 2.31
CA GLN A 99 -6.66 4.99 1.76
C GLN A 99 -5.49 5.51 0.94
N CYS A 100 -5.48 6.80 0.60
CA CYS A 100 -4.34 7.38 -0.11
C CYS A 100 -3.11 7.44 0.79
N PHE A 101 -3.30 7.65 2.09
CA PHE A 101 -2.19 7.83 3.01
C PHE A 101 -1.75 6.51 3.65
N ASN A 102 -1.49 5.50 2.83
CA ASN A 102 -1.00 4.22 3.34
C ASN A 102 0.49 4.02 3.07
N ASP A 103 1.16 5.01 2.48
CA ASP A 103 2.60 4.98 2.33
C ASP A 103 3.30 6.06 3.13
N VAL A 104 2.56 6.82 3.95
CA VAL A 104 3.18 7.85 4.76
C VAL A 104 4.03 7.22 5.85
N THR A 105 4.99 8.00 6.35
CA THR A 105 5.85 7.53 7.44
C THR A 105 5.02 7.26 8.69
N ALA A 106 4.09 8.16 9.02
CA ALA A 106 3.30 8.03 10.22
C ALA A 106 2.01 8.81 10.06
N ILE A 107 1.06 8.52 10.95
CA ILE A 107 -0.19 9.27 11.05
C ILE A 107 -0.14 10.07 12.34
N ILE A 108 -0.20 11.40 12.21
CA ILE A 108 -0.09 12.28 13.37
C ILE A 108 -1.51 12.47 13.90
N PHE A 109 -1.94 11.52 14.74
CA PHE A 109 -3.26 11.58 15.34
C PHE A 109 -3.22 12.53 16.54
N VAL A 110 -4.07 13.56 16.50
CA VAL A 110 -4.15 14.55 17.57
C VAL A 110 -5.46 14.33 18.32
N VAL A 111 -5.35 14.22 19.64
CA VAL A 111 -6.49 13.91 20.50
C VAL A 111 -6.66 15.04 21.50
N ASP A 112 -7.89 15.50 21.69
CA ASP A 112 -8.22 16.46 22.74
C ASP A 112 -8.56 15.69 24.01
N SER A 113 -7.64 15.67 24.95
CA SER A 113 -7.82 14.89 26.17
C SER A 113 -8.88 15.48 27.09
N SER A 114 -9.14 16.79 26.98
CA SER A 114 -10.05 17.44 27.92
C SER A 114 -11.49 16.99 27.70
N ASP A 115 -11.94 16.96 26.44
CA ASP A 115 -13.33 16.64 26.13
C ASP A 115 -13.48 15.12 26.16
N TYR A 116 -13.96 14.60 27.29
CA TYR A 116 -14.18 13.17 27.40
C TYR A 116 -15.40 12.70 26.61
N ASN A 117 -16.34 13.60 26.32
CA ASN A 117 -17.54 13.21 25.60
C ASN A 117 -17.19 12.71 24.20
N ARG A 118 -16.30 13.42 23.50
CA ARG A 118 -15.85 13.02 22.17
C ARG A 118 -14.57 12.18 22.22
N LEU A 119 -14.05 11.92 23.41
CA LEU A 119 -12.86 11.09 23.51
C LEU A 119 -13.16 9.64 23.13
N GLN A 120 -14.39 9.18 23.38
CA GLN A 120 -14.77 7.84 22.96
C GLN A 120 -14.79 7.71 21.44
N GLU A 121 -15.31 8.71 20.74
CA GLU A 121 -15.30 8.64 19.28
C GLU A 121 -13.91 8.88 18.74
N ALA A 122 -13.07 9.63 19.45
CA ALA A 122 -11.65 9.70 19.10
C ALA A 122 -11.00 8.32 19.21
N LEU A 123 -11.33 7.58 20.27
CA LEU A 123 -10.84 6.21 20.42
C LEU A 123 -11.34 5.32 19.29
N ASN A 124 -12.60 5.49 18.89
CA ASN A 124 -13.15 4.68 17.79
C ASN A 124 -12.46 5.01 16.47
N ASP A 125 -12.19 6.30 16.22
CA ASP A 125 -11.44 6.68 15.04
C ASP A 125 -10.03 6.07 15.06
N PHE A 126 -9.38 6.12 16.22
CA PHE A 126 -8.06 5.50 16.35
C PHE A 126 -8.13 4.01 16.09
N LYS A 127 -9.17 3.34 16.60
CA LYS A 127 -9.33 1.90 16.37
C LYS A 127 -9.54 1.59 14.90
N SER A 128 -10.37 2.38 14.22
CA SER A 128 -10.61 2.16 12.80
C SER A 128 -9.35 2.38 11.98
N ILE A 129 -8.58 3.41 12.32
CA ILE A 129 -7.32 3.66 11.62
C ILE A 129 -6.32 2.53 11.89
N TRP A 130 -6.23 2.10 13.15
CA TRP A 130 -5.29 1.04 13.51
C TRP A 130 -5.61 -0.26 12.80
N ASN A 131 -6.89 -0.62 12.73
CA ASN A 131 -7.32 -1.87 12.13
C ASN A 131 -7.71 -1.73 10.67
N ASN A 132 -7.51 -0.56 10.07
CA ASN A 132 -7.80 -0.39 8.65
C ASN A 132 -6.89 -1.29 7.83
N ARG A 133 -7.47 -1.92 6.81
CA ARG A 133 -6.74 -2.92 6.03
C ARG A 133 -5.57 -2.31 5.28
N TRP A 134 -5.59 -0.99 5.04
CA TRP A 134 -4.51 -0.30 4.35
C TRP A 134 -3.63 0.52 5.29
N LEU A 135 -4.19 1.05 6.37
CA LEU A 135 -3.43 1.78 7.37
C LEU A 135 -2.93 0.88 8.50
N ARG A 136 -2.86 -0.43 8.26
CA ARG A 136 -2.42 -1.39 9.26
C ARG A 136 -0.90 -1.51 9.33
N THR A 137 -0.18 -0.83 8.44
CA THR A 137 1.27 -0.79 8.49
C THR A 137 1.82 0.59 8.83
N ILE A 138 0.95 1.56 9.09
CA ILE A 138 1.37 2.93 9.40
C ILE A 138 1.39 3.10 10.91
N SER A 139 2.53 3.55 11.42
CA SER A 139 2.70 3.72 12.87
C SER A 139 2.15 5.08 13.26
N VAL A 140 1.17 5.09 14.15
CA VAL A 140 0.53 6.34 14.56
C VAL A 140 1.40 7.05 15.59
N ILE A 141 1.63 8.34 15.37
CA ILE A 141 2.30 9.19 16.35
C ILE A 141 1.19 9.93 17.09
N LEU A 142 0.74 9.35 18.20
CA LEU A 142 -0.37 9.91 18.95
C LEU A 142 0.07 11.14 19.73
N PHE A 143 -0.70 12.21 19.64
CA PHE A 143 -0.41 13.47 20.32
C PHE A 143 -1.60 13.81 21.22
N LEU A 144 -1.43 13.61 22.53
CA LEU A 144 -2.49 13.92 23.47
C LEU A 144 -2.50 15.42 23.75
N ASN A 145 -3.25 16.17 22.95
CA ASN A 145 -3.18 17.62 22.96
C ASN A 145 -4.00 18.22 24.11
N LYS A 146 -3.77 19.51 24.35
CA LYS A 146 -4.46 20.28 25.39
C LYS A 146 -4.32 19.63 26.76
N GLN A 147 -3.09 19.25 27.10
CA GLN A 147 -2.82 18.67 28.40
C GLN A 147 -3.05 19.67 29.52
N ASP A 148 -2.80 20.95 29.27
CA ASP A 148 -3.07 21.97 30.28
C ASP A 148 -4.56 22.05 30.59
N LEU A 149 -5.40 22.02 29.56
CA LEU A 149 -6.84 22.05 29.78
C LEU A 149 -7.31 20.78 30.46
N LEU A 150 -6.74 19.62 30.09
CA LEU A 150 -7.08 18.38 30.77
C LEU A 150 -6.73 18.45 32.25
N ALA A 151 -5.54 18.97 32.56
CA ALA A 151 -5.12 19.10 33.95
C ALA A 151 -6.04 20.03 34.72
N GLU A 152 -6.42 21.16 34.12
CA GLU A 152 -7.34 22.07 34.78
C GLU A 152 -8.69 21.41 35.03
N LYS A 153 -9.20 20.66 34.04
CA LYS A 153 -10.48 19.99 34.20
C LYS A 153 -10.44 18.97 35.34
N VAL A 154 -9.42 18.11 35.34
CA VAL A 154 -9.37 17.08 36.38
C VAL A 154 -9.08 17.68 37.75
N LEU A 155 -8.33 18.79 37.80
CA LEU A 155 -8.08 19.45 39.08
C LEU A 155 -9.35 20.09 39.62
N ALA A 156 -10.14 20.75 38.76
CA ALA A 156 -11.40 21.32 39.20
C ALA A 156 -12.37 20.24 39.64
N GLY A 157 -12.43 19.13 38.90
CA GLY A 157 -13.29 18.03 39.29
C GLY A 157 -14.76 18.22 39.00
N LYS A 158 -15.13 19.27 38.25
CA LYS A 158 -16.53 19.45 37.89
C LYS A 158 -17.03 18.30 37.02
N SER A 159 -16.20 17.86 36.08
CA SER A 159 -16.49 16.70 35.25
C SER A 159 -15.58 15.55 35.66
N LYS A 160 -16.16 14.35 35.75
CA LYS A 160 -15.45 13.17 36.22
C LYS A 160 -15.27 12.20 35.06
N ILE A 161 -14.07 11.65 34.94
CA ILE A 161 -13.77 10.73 33.84
C ILE A 161 -14.50 9.41 34.01
N GLU A 162 -14.71 8.97 35.25
CA GLU A 162 -15.39 7.70 35.48
C GLU A 162 -16.86 7.74 35.06
N ASP A 163 -17.42 8.92 34.80
CA ASP A 163 -18.77 8.97 34.24
C ASP A 163 -18.78 8.50 32.79
N TYR A 164 -17.80 8.92 32.00
CA TYR A 164 -17.68 8.50 30.60
C TYR A 164 -16.88 7.23 30.43
N PHE A 165 -16.23 6.73 31.48
CA PHE A 165 -15.47 5.49 31.41
C PHE A 165 -15.56 4.80 32.77
N PRO A 166 -16.45 3.80 32.91
CA PRO A 166 -16.57 3.11 34.20
C PRO A 166 -15.47 2.08 34.42
N GLU A 167 -14.24 2.46 34.10
CA GLU A 167 -13.07 1.67 34.47
C GLU A 167 -11.93 2.52 34.98
N PHE A 168 -12.07 3.85 34.99
CA PHE A 168 -11.06 4.73 35.57
C PHE A 168 -10.97 4.58 37.07
N ALA A 169 -12.07 4.20 37.73
CA ALA A 169 -12.03 3.97 39.18
C ALA A 169 -11.09 2.83 39.52
N ARG A 170 -11.13 1.75 38.74
CA ARG A 170 -10.25 0.60 38.96
C ARG A 170 -8.97 0.75 38.14
N TYR A 171 -8.32 1.90 38.30
CA TYR A 171 -7.11 2.22 37.55
C TYR A 171 -6.10 2.90 38.46
N THR A 172 -4.84 2.51 38.29
CA THR A 172 -3.72 3.14 38.99
C THR A 172 -2.66 3.53 37.97
N THR A 173 -1.91 4.58 38.29
CA THR A 173 -0.88 5.05 37.38
C THR A 173 0.19 3.98 37.19
N PRO A 174 0.70 3.82 35.97
CA PRO A 174 1.72 2.78 35.74
C PRO A 174 3.00 3.07 36.50
N GLU A 175 3.71 2.00 36.85
CA GLU A 175 4.97 2.15 37.57
C GLU A 175 6.05 2.79 36.71
N ASP A 176 5.90 2.74 35.39
CA ASP A 176 6.86 3.33 34.47
C ASP A 176 6.56 4.78 34.13
N ALA A 177 5.52 5.36 34.73
CA ALA A 177 5.16 6.74 34.45
C ALA A 177 6.26 7.70 34.90
N THR A 178 6.40 8.80 34.16
CA THR A 178 7.40 9.84 34.45
C THR A 178 6.68 11.17 34.56
N PRO A 179 6.00 11.42 35.67
CA PRO A 179 5.22 12.65 35.81
C PRO A 179 6.13 13.88 35.90
N GLU A 180 5.56 15.01 35.50
CA GLU A 180 6.23 16.29 35.70
C GLU A 180 6.35 16.56 37.21
N PRO A 181 7.46 17.16 37.65
CA PRO A 181 7.60 17.47 39.09
C PRO A 181 6.46 18.31 39.65
N GLY A 182 5.98 19.29 38.89
CA GLY A 182 4.84 20.09 39.34
C GLY A 182 3.52 19.58 38.82
N GLU A 183 3.26 18.28 38.97
CA GLU A 183 2.07 17.64 38.42
C GLU A 183 1.32 16.94 39.54
N ASP A 184 0.00 17.10 39.56
CA ASP A 184 -0.82 16.45 40.57
C ASP A 184 -0.93 14.95 40.26
N PRO A 185 -0.90 14.10 41.28
CA PRO A 185 -1.09 12.66 41.02
C PRO A 185 -2.38 12.33 40.28
N ARG A 186 -3.47 13.05 40.57
CA ARG A 186 -4.71 12.81 39.83
C ARG A 186 -4.57 13.19 38.37
N VAL A 187 -3.86 14.29 38.08
CA VAL A 187 -3.62 14.68 36.70
C VAL A 187 -2.81 13.62 35.98
N THR A 188 -1.75 13.12 36.63
CA THR A 188 -0.93 12.08 36.03
C THR A 188 -1.75 10.82 35.78
N ARG A 189 -2.59 10.47 36.75
CA ARG A 189 -3.41 9.24 36.61
C ARG A 189 -4.35 9.43 35.41
N ALA A 190 -5.00 10.59 35.31
CA ALA A 190 -5.96 10.81 34.23
C ALA A 190 -5.29 10.74 32.87
N LYS A 191 -4.18 11.47 32.69
CA LYS A 191 -3.53 11.48 31.38
C LYS A 191 -2.99 10.09 31.04
N TYR A 192 -2.46 9.37 32.03
CA TYR A 192 -1.93 8.05 31.74
C TYR A 192 -3.05 7.05 31.52
N PHE A 193 -4.22 7.28 32.12
CA PHE A 193 -5.38 6.44 31.81
C PHE A 193 -5.81 6.62 30.37
N ILE A 194 -5.85 7.87 29.89
CA ILE A 194 -6.19 8.10 28.49
C ILE A 194 -5.14 7.46 27.58
N ARG A 195 -3.88 7.69 27.85
CA ARG A 195 -2.89 7.02 27.00
C ARG A 195 -3.12 5.51 27.03
N ASP A 196 -3.32 4.91 28.20
CA ASP A 196 -3.36 3.44 28.25
C ASP A 196 -4.61 2.99 27.51
N GLU A 197 -5.65 3.81 27.55
CA GLU A 197 -6.83 3.47 26.76
C GLU A 197 -6.52 3.45 25.27
N PHE A 198 -5.64 4.34 24.82
CA PHE A 198 -5.23 4.29 23.41
C PHE A 198 -4.28 3.13 23.14
N LEU A 199 -3.36 2.90 24.09
CA LEU A 199 -2.37 1.80 23.94
C LEU A 199 -3.10 0.45 23.92
N ARG A 200 -4.22 0.33 24.64
CA ARG A 200 -4.96 -0.91 24.64
C ARG A 200 -5.38 -1.28 23.22
N ILE A 201 -5.97 -0.33 22.50
CA ILE A 201 -6.30 -0.54 21.10
C ILE A 201 -5.04 -0.80 20.29
N SER A 202 -3.97 -0.06 20.59
CA SER A 202 -2.72 -0.24 19.85
C SER A 202 -2.17 -1.65 19.96
N THR A 203 -2.07 -2.18 21.19
CA THR A 203 -1.47 -3.48 21.43
C THR A 203 -2.43 -4.65 21.28
N ALA A 204 -3.74 -4.39 21.16
CA ALA A 204 -4.65 -5.50 20.91
C ALA A 204 -4.40 -6.13 19.55
N SER A 205 -4.16 -5.31 18.53
CA SER A 205 -3.94 -5.80 17.17
C SER A 205 -2.80 -5.05 16.50
N GLY A 206 -1.79 -4.67 17.28
CA GLY A 206 -0.64 -4.00 16.70
C GLY A 206 0.28 -4.87 15.88
N ASP A 207 0.25 -6.19 16.10
CA ASP A 207 1.12 -7.14 15.40
C ASP A 207 2.56 -6.69 15.63
N GLY A 208 3.36 -6.51 14.58
CA GLY A 208 4.72 -6.02 14.74
C GLY A 208 5.16 -5.09 13.64
N ARG A 209 4.22 -4.69 12.78
CA ARG A 209 4.54 -3.84 11.64
C ARG A 209 4.28 -2.36 11.89
N HIS A 210 3.51 -2.02 12.93
CA HIS A 210 3.23 -0.63 13.24
C HIS A 210 3.05 -0.47 14.74
N TYR A 211 3.42 0.70 15.24
CA TYR A 211 3.45 0.96 16.67
C TYR A 211 2.87 2.35 16.94
N CYS A 212 2.28 2.52 18.13
CA CYS A 212 1.77 3.82 18.53
C CYS A 212 2.77 4.52 19.42
N TYR A 213 2.98 5.81 19.15
CA TYR A 213 3.94 6.62 19.91
C TYR A 213 3.18 7.76 20.58
N PRO A 214 2.78 7.60 21.83
CA PRO A 214 1.97 8.64 22.48
C PRO A 214 2.83 9.74 23.08
N HIS A 215 2.32 10.96 23.03
CA HIS A 215 3.02 12.12 23.56
C HIS A 215 2.00 13.07 24.16
N PHE A 216 2.26 13.52 25.39
CA PHE A 216 1.42 14.54 26.01
C PHE A 216 1.95 15.92 25.64
N THR A 217 1.18 16.68 24.88
CA THR A 217 1.63 17.96 24.37
C THR A 217 0.57 19.02 24.65
N CYS A 218 1.01 20.27 24.69
CA CYS A 218 0.16 21.41 24.94
C CYS A 218 0.14 22.29 23.70
N SER A 219 -0.53 23.44 23.82
CA SER A 219 -0.54 24.45 22.77
C SER A 219 0.65 25.40 22.85
N VAL A 220 1.53 25.21 23.83
CA VAL A 220 2.70 26.06 24.03
C VAL A 220 4.00 25.32 23.78
N ASP A 221 4.03 24.00 24.00
CA ASP A 221 5.27 23.24 23.84
C ASP A 221 5.71 23.28 22.38
N THR A 222 6.99 23.58 22.18
CA THR A 222 7.58 23.66 20.85
C THR A 222 8.39 22.43 20.49
N GLU A 223 8.30 21.36 21.29
CA GLU A 223 9.05 20.14 21.06
C GLU A 223 8.28 19.13 20.23
N ASN A 224 7.14 19.52 19.64
CA ASN A 224 6.39 18.61 18.80
C ASN A 224 7.19 18.21 17.57
N ALA A 225 7.91 19.15 16.97
CA ALA A 225 8.73 18.83 15.81
C ALA A 225 9.83 17.85 16.16
N ARG A 226 10.50 18.05 17.30
CA ARG A 226 11.54 17.13 17.72
C ARG A 226 10.96 15.76 18.06
N ARG A 227 9.78 15.72 18.68
CA ARG A 227 9.13 14.45 18.97
C ARG A 227 8.78 13.70 17.69
N ILE A 228 8.27 14.41 16.69
CA ILE A 228 7.96 13.79 15.41
C ILE A 228 9.24 13.28 14.75
N PHE A 229 10.31 14.06 14.83
CA PHE A 229 11.59 13.62 14.27
C PHE A 229 12.06 12.34 14.93
N ASN A 230 12.06 12.28 16.26
CA ASN A 230 12.52 11.10 16.96
C ASN A 230 11.62 9.90 16.69
N ASP A 231 10.31 10.06 16.64
CA ASP A 231 9.49 8.85 16.39
C ASP A 231 9.63 8.43 14.94
N CYS A 232 9.71 9.37 14.01
CA CYS A 232 9.94 8.92 12.65
C CYS A 232 11.26 8.17 12.53
N ARG A 233 12.28 8.64 13.24
CA ARG A 233 13.55 7.91 13.27
C ARG A 233 13.37 6.51 13.83
N ASP A 234 12.61 6.38 14.92
CA ASP A 234 12.35 5.07 15.51
C ASP A 234 11.54 4.20 14.57
N ILE A 235 10.53 4.77 13.90
CA ILE A 235 9.70 4.00 12.98
C ILE A 235 10.54 3.46 11.83
N ILE A 236 11.36 4.33 11.24
CA ILE A 236 12.17 3.90 10.10
C ILE A 236 13.25 2.92 10.54
N GLN A 237 13.81 3.13 11.74
CA GLN A 237 14.80 2.19 12.26
C GLN A 237 14.20 0.81 12.49
N ARG A 238 13.00 0.75 13.07
CA ARG A 238 12.35 -0.54 13.26
C ARG A 238 11.97 -1.18 11.94
N MET A 239 11.56 -0.36 10.96
CA MET A 239 11.27 -0.88 9.62
C MET A 239 12.53 -1.49 9.00
N HIS A 240 13.66 -0.81 9.14
CA HIS A 240 14.91 -1.34 8.60
C HIS A 240 15.36 -2.60 9.33
N LEU A 241 15.19 -2.63 10.66
CA LEU A 241 15.55 -3.81 11.42
C LEU A 241 14.69 -5.00 11.00
N ARG A 242 13.40 -4.78 10.78
CA ARG A 242 12.54 -5.83 10.27
C ARG A 242 12.96 -6.25 8.86
N GLN A 243 13.37 -5.29 8.03
CA GLN A 243 13.78 -5.60 6.67
C GLN A 243 15.04 -6.46 6.65
N TYR A 244 16.00 -6.17 7.52
CA TYR A 244 17.23 -6.94 7.62
C TYR A 244 17.15 -8.03 8.68
N GLU A 245 15.93 -8.34 9.13
CA GLU A 245 15.66 -9.45 10.04
C GLU A 245 16.46 -9.33 11.33
N LEU A 246 16.56 -8.10 11.85
CA LEU A 246 17.15 -7.82 13.14
C LEU A 246 16.10 -7.53 14.21
N LEU A 247 14.84 -7.78 13.91
CA LEU A 247 13.74 -7.46 14.82
C LEU A 247 12.51 -8.28 14.48
N GLU B 8 -47.29 15.08 7.67
CA GLU B 8 -47.03 15.22 6.24
C GLU B 8 -45.77 14.48 5.85
N LEU B 9 -44.78 14.44 6.75
CA LEU B 9 -43.57 13.68 6.49
C LEU B 9 -43.86 12.19 6.39
N ASP B 10 -44.76 11.68 7.24
CA ASP B 10 -45.14 10.28 7.17
C ASP B 10 -45.83 9.99 5.84
N GLN B 11 -46.63 10.93 5.34
CA GLN B 11 -47.26 10.74 4.03
C GLN B 11 -46.22 10.65 2.93
N LEU B 12 -45.19 11.50 2.98
CA LEU B 12 -44.13 11.44 1.98
C LEU B 12 -43.36 10.13 2.07
N ARG B 13 -43.09 9.66 3.30
CA ARG B 13 -42.41 8.37 3.46
C ARG B 13 -43.26 7.23 2.90
N GLN B 14 -44.57 7.28 3.14
CA GLN B 14 -45.46 6.25 2.60
C GLN B 14 -45.49 6.30 1.08
N GLU B 15 -45.50 7.49 0.50
CA GLU B 15 -45.47 7.62 -0.95
C GLU B 15 -44.18 7.05 -1.52
N ALA B 16 -43.04 7.35 -0.88
CA ALA B 16 -41.77 6.79 -1.34
C ALA B 16 -41.76 5.26 -1.22
N GLU B 17 -42.30 4.73 -0.12
CA GLU B 17 -42.32 3.28 0.07
C GLU B 17 -43.22 2.60 -0.96
N GLN B 18 -44.38 3.19 -1.25
CA GLN B 18 -45.26 2.58 -2.24
C GLN B 18 -44.70 2.71 -3.65
N LEU B 19 -43.99 3.81 -3.95
CA LEU B 19 -43.32 3.91 -5.23
C LEU B 19 -42.23 2.85 -5.37
N LYS B 20 -41.45 2.62 -4.32
CA LYS B 20 -40.44 1.57 -4.36
C LYS B 20 -41.10 0.20 -4.51
N ASN B 21 -42.21 -0.04 -3.83
CA ASN B 21 -42.93 -1.31 -3.96
C ASN B 21 -43.43 -1.49 -5.38
N GLN B 22 -43.96 -0.43 -5.99
CA GLN B 22 -44.43 -0.52 -7.38
C GLN B 22 -43.27 -0.82 -8.32
N ILE B 23 -42.12 -0.17 -8.11
CA ILE B 23 -40.96 -0.42 -8.95
C ILE B 23 -40.51 -1.87 -8.81
N ARG B 24 -40.47 -2.37 -7.57
CA ARG B 24 -40.06 -3.76 -7.34
C ARG B 24 -41.05 -4.73 -7.98
N ASP B 25 -42.35 -4.45 -7.88
CA ASP B 25 -43.34 -5.32 -8.50
C ASP B 25 -43.22 -5.31 -10.02
N ALA B 26 -42.96 -4.14 -10.61
CA ALA B 26 -42.74 -4.06 -12.04
C ALA B 26 -41.50 -4.85 -12.45
N ARG B 27 -40.44 -4.77 -11.65
CA ARG B 27 -39.24 -5.53 -11.93
C ARG B 27 -39.52 -7.04 -11.88
N LYS B 28 -40.26 -7.48 -10.86
CA LYS B 28 -40.59 -8.90 -10.76
C LYS B 28 -41.45 -9.35 -11.93
N ALA B 29 -42.42 -8.51 -12.35
CA ALA B 29 -43.26 -8.84 -13.48
C ALA B 29 -42.44 -8.95 -14.76
N CYS B 30 -41.50 -8.02 -14.96
CA CYS B 30 -40.62 -8.09 -16.12
C CYS B 30 -39.64 -9.25 -16.04
N ALA B 31 -39.40 -9.79 -14.84
CA ALA B 31 -38.52 -10.94 -14.67
C ALA B 31 -39.25 -12.23 -15.05
N ASP B 32 -39.57 -12.33 -16.34
CA ASP B 32 -40.21 -13.54 -16.86
C ASP B 32 -39.30 -14.75 -16.68
N ALA B 33 -38.01 -14.59 -16.97
CA ALA B 33 -37.02 -15.62 -16.77
C ALA B 33 -35.78 -15.02 -16.12
N THR B 34 -34.78 -15.86 -15.89
CA THR B 34 -33.52 -15.43 -15.28
C THR B 34 -32.41 -15.47 -16.34
N LEU B 35 -31.59 -14.43 -16.38
CA LEU B 35 -30.52 -14.37 -17.35
C LEU B 35 -29.57 -15.55 -17.23
N SER B 36 -29.39 -16.07 -16.01
CA SER B 36 -28.51 -17.21 -15.81
C SER B 36 -29.01 -18.45 -16.56
N GLN B 37 -30.32 -18.72 -16.46
CA GLN B 37 -30.86 -19.89 -17.16
C GLN B 37 -31.03 -19.62 -18.65
N ILE B 38 -31.24 -18.36 -19.03
CA ILE B 38 -31.35 -18.01 -20.44
C ILE B 38 -30.00 -18.21 -21.13
N THR B 39 -28.91 -17.86 -20.46
CA THR B 39 -27.58 -18.03 -21.01
C THR B 39 -27.02 -19.43 -20.79
N ASN B 40 -27.79 -20.33 -20.17
CA ASN B 40 -27.29 -21.67 -19.87
C ASN B 40 -26.94 -22.42 -21.16
N ASN B 41 -27.54 -22.04 -22.28
CA ASN B 41 -27.23 -22.69 -23.56
C ASN B 41 -25.92 -22.21 -24.16
N ILE B 42 -25.34 -21.12 -23.65
CA ILE B 42 -24.09 -20.62 -24.20
C ILE B 42 -22.95 -21.54 -23.79
N ASP B 43 -22.17 -21.98 -24.77
CA ASP B 43 -21.00 -22.78 -24.48
C ASP B 43 -19.94 -21.93 -23.80
N PRO B 44 -19.33 -22.42 -22.72
CA PRO B 44 -18.27 -21.65 -22.04
C PRO B 44 -17.07 -21.44 -22.96
N VAL B 45 -16.47 -20.26 -22.85
CA VAL B 45 -15.27 -19.97 -23.64
C VAL B 45 -14.09 -20.79 -23.14
N GLY B 46 -14.07 -21.13 -21.86
CA GLY B 46 -12.95 -21.83 -21.26
C GLY B 46 -11.96 -20.88 -20.61
N ARG B 47 -10.98 -21.46 -19.94
CA ARG B 47 -9.96 -20.67 -19.27
C ARG B 47 -9.15 -19.87 -20.28
N ILE B 48 -9.22 -18.54 -20.17
CA ILE B 48 -8.48 -17.65 -21.05
C ILE B 48 -7.18 -17.23 -20.36
N GLN B 49 -6.07 -17.29 -21.08
CA GLN B 49 -4.77 -16.93 -20.55
C GLN B 49 -4.34 -15.60 -21.17
N MET B 50 -4.07 -14.65 -20.27
CA MET B 50 -3.60 -13.31 -20.68
C MET B 50 -2.29 -13.07 -19.94
N ARG B 51 -1.25 -12.62 -20.64
CA ARG B 51 0.06 -12.43 -20.05
C ARG B 51 0.48 -10.97 -20.12
N THR B 52 1.32 -10.55 -19.19
CA THR B 52 1.83 -9.19 -19.20
C THR B 52 2.65 -8.96 -20.47
N ARG B 53 2.13 -8.14 -21.37
CA ARG B 53 2.87 -7.78 -22.57
C ARG B 53 3.79 -6.59 -22.32
N ARG B 54 3.31 -5.60 -21.57
CA ARG B 54 4.10 -4.43 -21.23
C ARG B 54 4.02 -4.20 -19.72
N THR B 55 5.14 -3.78 -19.14
CA THR B 55 5.19 -3.31 -17.77
C THR B 55 5.74 -1.89 -17.78
N LEU B 56 4.90 -0.93 -17.40
CA LEU B 56 5.22 0.49 -17.53
C LEU B 56 5.72 0.98 -16.18
N ARG B 57 7.05 1.03 -16.04
CA ARG B 57 7.70 1.46 -14.81
C ARG B 57 8.24 2.88 -14.97
N GLY B 58 8.31 3.59 -13.84
CA GLY B 58 8.75 4.96 -13.84
C GLY B 58 8.01 5.78 -12.81
N HIS B 59 6.84 5.32 -12.41
CA HIS B 59 6.12 5.94 -11.31
C HIS B 59 6.78 5.59 -9.99
N LEU B 60 6.86 6.57 -9.09
CA LEU B 60 7.59 6.44 -7.84
C LEU B 60 6.67 6.36 -6.62
N ALA B 61 5.39 6.09 -6.85
CA ALA B 61 4.42 5.95 -5.76
C ALA B 61 3.24 5.15 -6.29
N LYS B 62 2.19 5.07 -5.49
CA LYS B 62 1.01 4.32 -5.88
C LYS B 62 0.37 4.95 -7.12
N ILE B 63 -0.09 4.08 -8.03
CA ILE B 63 -0.81 4.52 -9.25
C ILE B 63 -2.28 4.34 -8.90
N TYR B 64 -3.06 5.41 -8.92
CA TYR B 64 -4.43 5.35 -8.43
C TYR B 64 -5.45 5.36 -9.56
N ALA B 65 -5.07 5.78 -10.76
CA ALA B 65 -6.00 5.79 -11.89
C ALA B 65 -5.21 5.83 -13.20
N MET B 66 -5.88 5.39 -14.27
CA MET B 66 -5.37 5.55 -15.62
C MET B 66 -6.55 5.58 -16.58
N HIS B 67 -6.29 6.04 -17.79
CA HIS B 67 -7.31 6.05 -18.83
C HIS B 67 -6.66 5.82 -20.18
N TRP B 68 -7.30 4.96 -20.98
CA TRP B 68 -6.80 4.65 -22.31
C TRP B 68 -7.23 5.71 -23.31
N GLY B 69 -6.35 5.99 -24.27
CA GLY B 69 -6.71 6.89 -25.35
C GLY B 69 -7.60 6.21 -26.37
N THR B 70 -8.34 7.04 -27.11
CA THR B 70 -9.17 6.52 -28.19
C THR B 70 -8.34 5.90 -29.31
N ASP B 71 -7.10 6.36 -29.49
CA ASP B 71 -6.22 5.75 -30.47
C ASP B 71 -5.70 4.39 -30.03
N SER B 72 -5.92 4.02 -28.77
CA SER B 72 -5.47 2.73 -28.21
C SER B 72 -3.95 2.61 -28.20
N ARG B 73 -3.25 3.72 -28.37
CA ARG B 73 -1.79 3.77 -28.34
C ARG B 73 -1.24 4.46 -27.10
N LEU B 74 -1.78 5.63 -26.76
CA LEU B 74 -1.28 6.43 -25.66
C LEU B 74 -2.22 6.32 -24.47
N LEU B 75 -1.66 6.05 -23.30
CA LEU B 75 -2.42 5.97 -22.06
C LEU B 75 -1.83 6.93 -21.04
N VAL B 76 -2.69 7.54 -20.24
CA VAL B 76 -2.29 8.46 -19.20
C VAL B 76 -2.49 7.78 -17.85
N SER B 77 -1.52 7.92 -16.96
CA SER B 77 -1.58 7.32 -15.64
C SER B 77 -1.29 8.38 -14.59
N ALA B 78 -2.01 8.29 -13.47
CA ALA B 78 -1.86 9.23 -12.36
C ALA B 78 -1.29 8.49 -11.17
N SER B 79 -0.33 9.12 -10.49
CA SER B 79 0.33 8.52 -9.35
C SER B 79 0.39 9.50 -8.20
N GLN B 80 0.45 8.95 -6.98
CA GLN B 80 0.47 9.78 -5.78
C GLN B 80 1.76 10.57 -5.61
N ASP B 81 2.80 10.26 -6.41
CA ASP B 81 4.03 11.03 -6.32
C ASP B 81 3.84 12.46 -6.83
N GLY B 82 2.97 12.65 -7.81
CA GLY B 82 2.72 13.97 -8.36
C GLY B 82 3.04 14.08 -9.83
N LYS B 83 3.01 12.95 -10.53
CA LYS B 83 3.28 12.90 -11.96
C LYS B 83 2.08 12.33 -12.70
N LEU B 84 1.89 12.82 -13.92
CA LEU B 84 0.82 12.39 -14.82
C LEU B 84 1.48 12.01 -16.15
N ILE B 85 1.91 10.76 -16.26
CA ILE B 85 2.69 10.31 -17.40
C ILE B 85 1.76 9.85 -18.51
N ILE B 86 1.99 10.36 -19.72
CA ILE B 86 1.30 9.90 -20.91
C ILE B 86 2.25 8.93 -21.61
N TRP B 87 2.04 7.63 -21.38
CA TRP B 87 2.93 6.62 -21.92
C TRP B 87 2.60 6.35 -23.39
N ASP B 88 3.44 5.53 -24.01
CA ASP B 88 3.17 4.96 -25.33
C ASP B 88 3.22 3.45 -25.13
N SER B 89 2.04 2.84 -25.00
CA SER B 89 1.99 1.43 -24.60
C SER B 89 2.72 0.53 -25.59
N TYR B 90 2.70 0.90 -26.87
CA TYR B 90 3.33 0.06 -27.89
C TYR B 90 4.84 -0.01 -27.69
N THR B 91 5.46 1.10 -27.30
CA THR B 91 6.92 1.19 -27.21
C THR B 91 7.41 1.54 -25.81
N THR B 92 6.53 1.58 -24.81
CA THR B 92 6.90 1.93 -23.43
C THR B 92 7.60 3.29 -23.36
N ASN B 93 7.27 4.20 -24.27
CA ASN B 93 7.86 5.53 -24.29
C ASN B 93 6.95 6.50 -23.55
N LYS B 94 7.56 7.32 -22.71
CA LYS B 94 6.83 8.34 -21.94
C LYS B 94 6.76 9.60 -22.80
N VAL B 95 5.62 9.81 -23.46
CA VAL B 95 5.46 10.96 -24.33
C VAL B 95 5.52 12.24 -23.51
N HIS B 96 4.84 12.28 -22.37
CA HIS B 96 4.89 13.40 -21.45
C HIS B 96 4.94 12.88 -20.02
N ALA B 97 5.43 13.74 -19.13
CA ALA B 97 5.43 13.48 -17.68
C ALA B 97 5.03 14.80 -17.02
N ILE B 98 3.73 14.98 -16.82
CA ILE B 98 3.20 16.24 -16.30
C ILE B 98 3.41 16.32 -14.80
N PRO B 99 4.11 17.34 -14.30
CA PRO B 99 4.18 17.55 -12.84
C PRO B 99 2.90 18.18 -12.35
N LEU B 100 2.28 17.54 -11.35
CA LEU B 100 1.01 17.99 -10.82
C LEU B 100 1.24 18.88 -9.60
N ARG B 101 0.45 19.95 -9.50
CA ARG B 101 0.55 20.84 -8.35
C ARG B 101 0.22 20.12 -7.06
N SER B 102 -0.82 19.29 -7.07
CA SER B 102 -1.19 18.46 -5.93
C SER B 102 -0.88 17.02 -6.27
N SER B 103 -0.09 16.38 -5.42
CA SER B 103 0.32 15.00 -5.65
C SER B 103 -0.75 13.98 -5.30
N TRP B 104 -1.84 14.41 -4.67
CA TRP B 104 -2.89 13.50 -4.22
C TRP B 104 -3.97 13.36 -5.30
N VAL B 105 -3.53 12.93 -6.47
CA VAL B 105 -4.42 12.74 -7.61
C VAL B 105 -5.11 11.38 -7.49
N MET B 106 -6.43 11.38 -7.65
CA MET B 106 -7.21 10.15 -7.54
C MET B 106 -7.88 9.74 -8.84
N THR B 107 -7.77 10.53 -9.90
CA THR B 107 -8.42 10.21 -11.16
C THR B 107 -7.67 10.89 -12.30
N CYS B 108 -7.88 10.38 -13.50
CA CYS B 108 -7.33 10.99 -14.69
C CYS B 108 -8.07 10.47 -15.90
N ALA B 109 -8.28 11.35 -16.88
CA ALA B 109 -8.95 11.00 -18.13
C ALA B 109 -8.14 11.52 -19.30
N TYR B 110 -8.20 10.80 -20.42
CA TYR B 110 -7.56 11.20 -21.66
C TYR B 110 -8.68 11.56 -22.64
N ALA B 111 -8.65 12.78 -23.15
CA ALA B 111 -9.75 13.26 -23.98
C ALA B 111 -9.85 12.44 -25.26
N PRO B 112 -11.05 12.24 -25.79
CA PRO B 112 -11.19 11.47 -27.04
C PRO B 112 -10.44 12.08 -28.21
N SER B 113 -10.37 13.41 -28.29
CA SER B 113 -9.56 14.04 -29.31
C SER B 113 -8.09 13.75 -29.09
N GLY B 114 -7.64 13.74 -27.84
CA GLY B 114 -6.25 13.50 -27.50
C GLY B 114 -5.47 14.74 -27.16
N ASN B 115 -6.06 15.92 -27.29
CA ASN B 115 -5.39 17.18 -27.05
C ASN B 115 -5.55 17.67 -25.61
N TYR B 116 -6.19 16.89 -24.74
CA TYR B 116 -6.45 17.33 -23.38
C TYR B 116 -6.39 16.13 -22.45
N VAL B 117 -5.89 16.36 -21.24
CA VAL B 117 -5.88 15.37 -20.18
C VAL B 117 -6.30 16.04 -18.87
N ALA B 118 -7.18 15.38 -18.13
CA ALA B 118 -7.65 15.88 -16.85
C ALA B 118 -7.14 15.00 -15.73
N CYS B 119 -7.08 15.59 -14.53
CA CYS B 119 -6.73 14.85 -13.33
C CYS B 119 -7.33 15.58 -12.13
N GLY B 120 -7.42 14.87 -11.02
CA GLY B 120 -7.98 15.46 -9.82
C GLY B 120 -7.85 14.49 -8.66
N GLY B 121 -8.20 14.97 -7.48
CA GLY B 121 -8.10 14.18 -6.29
C GLY B 121 -8.42 14.95 -5.03
N LEU B 122 -7.56 14.83 -4.03
CA LEU B 122 -7.79 15.47 -2.73
C LEU B 122 -7.66 16.98 -2.78
N ASP B 123 -7.37 17.57 -3.93
CA ASP B 123 -7.31 19.02 -4.08
C ASP B 123 -8.64 19.63 -4.50
N ASN B 124 -9.68 18.81 -4.68
CA ASN B 124 -11.03 19.23 -5.04
C ASN B 124 -11.09 19.92 -6.41
N ILE B 125 -10.07 19.76 -7.23
CA ILE B 125 -9.92 20.53 -8.45
C ILE B 125 -9.65 19.58 -9.61
N CYS B 126 -10.41 19.72 -10.70
CA CYS B 126 -10.14 19.02 -11.94
C CYS B 126 -9.24 19.90 -12.79
N SER B 127 -7.97 19.51 -12.93
CA SER B 127 -7.00 20.27 -13.70
C SER B 127 -6.92 19.69 -15.11
N ILE B 128 -7.20 20.53 -16.10
CA ILE B 128 -7.16 20.14 -17.50
C ILE B 128 -5.80 20.53 -18.07
N TYR B 129 -5.14 19.59 -18.72
CA TYR B 129 -3.80 19.79 -19.26
C TYR B 129 -3.84 19.71 -20.78
N ASN B 130 -3.15 20.64 -21.44
CA ASN B 130 -3.08 20.68 -22.89
C ASN B 130 -1.80 19.99 -23.36
N LEU B 131 -1.97 18.90 -24.11
CA LEU B 131 -0.82 18.17 -24.64
C LEU B 131 -0.46 18.58 -26.06
N LYS B 132 -1.23 19.48 -26.68
CA LYS B 132 -1.01 19.87 -28.07
C LYS B 132 -0.84 21.36 -28.19
N THR B 133 -0.12 21.97 -27.24
CA THR B 133 0.18 23.38 -27.32
C THR B 133 1.26 23.63 -28.37
N ARG B 134 1.26 24.85 -28.93
CA ARG B 134 2.19 25.19 -29.98
C ARG B 134 3.60 25.47 -29.48
N GLU B 135 3.80 25.59 -28.17
CA GLU B 135 5.11 25.87 -27.60
C GLU B 135 5.88 24.62 -27.19
N GLY B 136 5.30 23.43 -27.40
CA GLY B 136 5.97 22.19 -27.05
C GLY B 136 6.18 22.03 -25.56
N ASN B 137 5.10 21.97 -24.80
CA ASN B 137 5.17 21.85 -23.35
C ASN B 137 3.82 21.33 -22.86
N VAL B 138 3.66 21.30 -21.54
CA VAL B 138 2.40 20.94 -20.89
C VAL B 138 2.08 22.01 -19.88
N ARG B 139 0.86 22.55 -19.95
CA ARG B 139 0.42 23.62 -19.06
C ARG B 139 -1.02 23.38 -18.65
N VAL B 140 -1.38 23.95 -17.50
CA VAL B 140 -2.74 23.81 -16.99
C VAL B 140 -3.67 24.62 -17.87
N SER B 141 -4.50 23.93 -18.67
CA SER B 141 -5.46 24.62 -19.52
C SER B 141 -6.48 25.38 -18.67
N ARG B 142 -7.07 24.69 -17.70
CA ARG B 142 -8.08 25.29 -16.84
C ARG B 142 -8.11 24.56 -15.51
N GLU B 143 -8.33 25.31 -14.42
CA GLU B 143 -8.47 24.74 -13.09
C GLU B 143 -9.95 24.74 -12.74
N LEU B 144 -10.60 23.60 -12.93
CA LEU B 144 -12.01 23.48 -12.63
C LEU B 144 -12.23 23.36 -11.12
N ALA B 145 -12.98 24.30 -10.56
CA ALA B 145 -13.22 24.33 -9.12
C ALA B 145 -14.71 24.52 -8.87
N GLY B 146 -15.17 23.97 -7.75
CA GLY B 146 -16.58 24.04 -7.41
C GLY B 146 -17.09 22.81 -6.70
N HIS B 147 -16.27 21.75 -6.69
CA HIS B 147 -16.62 20.55 -5.94
C HIS B 147 -16.17 20.68 -4.49
N THR B 148 -17.03 20.21 -3.58
CA THR B 148 -16.74 20.21 -2.15
C THR B 148 -16.36 18.82 -1.65
N GLY B 149 -15.67 18.05 -2.48
CA GLY B 149 -15.19 16.73 -2.10
C GLY B 149 -14.23 16.22 -3.14
N TYR B 150 -13.47 15.19 -2.74
CA TYR B 150 -12.41 14.67 -3.59
C TYR B 150 -13.00 14.13 -4.89
N LEU B 151 -12.26 14.33 -5.98
CA LEU B 151 -12.70 13.86 -7.29
C LEU B 151 -12.35 12.38 -7.43
N SER B 152 -13.34 11.56 -7.72
CA SER B 152 -13.16 10.13 -7.86
C SER B 152 -12.97 9.70 -9.31
N CYS B 153 -13.74 10.30 -10.23
CA CYS B 153 -13.63 9.95 -11.63
C CYS B 153 -14.15 11.12 -12.46
N CYS B 154 -13.39 11.47 -13.49
CA CYS B 154 -13.78 12.49 -14.45
C CYS B 154 -13.62 11.92 -15.85
N ARG B 155 -14.57 12.23 -16.73
CA ARG B 155 -14.55 11.72 -18.10
C ARG B 155 -14.91 12.84 -19.05
N PHE B 156 -14.33 12.79 -20.24
CA PHE B 156 -14.53 13.82 -21.26
C PHE B 156 -15.67 13.41 -22.20
N LEU B 157 -16.69 14.26 -22.30
CA LEU B 157 -17.64 14.12 -23.39
C LEU B 157 -17.03 14.59 -24.70
N ASP B 158 -16.31 15.71 -24.65
CA ASP B 158 -15.55 16.22 -25.78
C ASP B 158 -14.52 17.20 -25.23
N ASP B 159 -13.85 17.94 -26.11
CA ASP B 159 -12.87 18.92 -25.66
C ASP B 159 -13.51 20.10 -24.93
N ASN B 160 -14.84 20.23 -25.00
CA ASN B 160 -15.56 21.32 -24.34
C ASN B 160 -16.18 20.89 -23.01
N GLN B 161 -16.84 19.74 -22.97
CA GLN B 161 -17.57 19.28 -21.81
C GLN B 161 -16.83 18.14 -21.13
N ILE B 162 -16.72 18.21 -19.80
CA ILE B 162 -16.18 17.12 -18.99
C ILE B 162 -17.09 16.94 -17.79
N VAL B 163 -17.51 15.70 -17.54
CA VAL B 163 -18.34 15.37 -16.39
C VAL B 163 -17.47 14.70 -15.34
N THR B 164 -17.60 15.14 -14.09
CA THR B 164 -16.77 14.65 -13.00
C THR B 164 -17.66 14.13 -11.88
N SER B 165 -17.08 13.25 -11.06
CA SER B 165 -17.72 12.72 -9.86
C SER B 165 -16.88 13.07 -8.66
N SER B 166 -17.54 13.51 -7.59
CA SER B 166 -16.85 14.00 -6.41
C SER B 166 -17.24 13.17 -5.19
N GLY B 167 -16.53 13.41 -4.09
CA GLY B 167 -16.83 12.83 -2.81
C GLY B 167 -17.90 13.55 -2.03
N ASP B 168 -18.48 14.60 -2.60
CA ASP B 168 -19.57 15.34 -1.97
C ASP B 168 -20.94 14.86 -2.44
N THR B 169 -21.05 13.60 -2.84
CA THR B 169 -22.28 12.93 -3.26
C THR B 169 -22.90 13.56 -4.51
N THR B 170 -22.16 14.37 -5.26
CA THR B 170 -22.69 15.04 -6.44
C THR B 170 -21.75 14.87 -7.62
N CYS B 171 -22.33 14.84 -8.81
CA CYS B 171 -21.59 14.89 -10.06
C CYS B 171 -21.90 16.19 -10.79
N ALA B 172 -20.92 16.67 -11.56
CA ALA B 172 -21.06 17.95 -12.21
C ALA B 172 -20.63 17.84 -13.67
N LEU B 173 -21.32 18.58 -14.53
CA LEU B 173 -20.95 18.73 -15.93
C LEU B 173 -20.33 20.11 -16.13
N TRP B 174 -19.13 20.14 -16.68
CA TRP B 174 -18.35 21.37 -16.77
C TRP B 174 -18.18 21.80 -18.22
N ASP B 175 -17.97 23.10 -18.39
CA ASP B 175 -17.51 23.68 -19.66
C ASP B 175 -16.11 24.20 -19.42
N ILE B 176 -15.12 23.60 -20.11
CA ILE B 176 -13.72 23.90 -19.82
C ILE B 176 -13.41 25.37 -20.09
N GLU B 177 -13.87 25.89 -21.23
CA GLU B 177 -13.65 27.29 -21.55
C GLU B 177 -14.38 28.20 -20.56
N THR B 178 -15.63 27.87 -20.23
CA THR B 178 -16.36 28.66 -19.26
C THR B 178 -15.81 28.47 -17.85
N GLY B 179 -15.49 27.23 -17.48
CA GLY B 179 -14.99 26.97 -16.15
C GLY B 179 -16.04 26.90 -15.07
N GLN B 180 -17.31 26.73 -15.44
CA GLN B 180 -18.41 26.71 -14.48
C GLN B 180 -19.21 25.42 -14.66
N GLN B 181 -19.94 25.07 -13.61
CA GLN B 181 -20.74 23.85 -13.61
C GLN B 181 -22.01 24.09 -14.43
N THR B 182 -22.08 23.46 -15.61
CA THR B 182 -23.28 23.55 -16.42
C THR B 182 -24.49 22.94 -15.72
N THR B 183 -24.28 21.75 -15.15
CA THR B 183 -25.37 21.02 -14.46
C THR B 183 -24.81 20.19 -13.30
N THR B 184 -25.42 20.28 -12.11
CA THR B 184 -24.99 19.49 -10.95
C THR B 184 -25.95 18.32 -10.78
N PHE B 185 -25.39 17.12 -10.67
CA PHE B 185 -26.17 15.89 -10.58
C PHE B 185 -26.26 15.48 -9.11
N THR B 186 -27.35 15.91 -8.47
CA THR B 186 -27.57 15.67 -7.04
C THR B 186 -28.57 14.53 -6.86
N GLY B 187 -28.42 13.79 -5.77
CA GLY B 187 -29.29 12.67 -5.47
C GLY B 187 -28.60 11.50 -4.81
N HIS B 188 -27.30 11.36 -5.01
CA HIS B 188 -26.55 10.35 -4.27
C HIS B 188 -26.44 10.74 -2.80
N THR B 189 -26.41 9.72 -1.94
CA THR B 189 -26.28 9.95 -0.50
C THR B 189 -24.87 9.71 0.01
N GLY B 190 -24.10 8.83 -0.63
CA GLY B 190 -22.72 8.61 -0.29
C GLY B 190 -21.79 9.18 -1.34
N ASP B 191 -20.49 9.10 -1.02
CA ASP B 191 -19.47 9.60 -1.94
C ASP B 191 -19.54 8.85 -3.26
N VAL B 192 -19.56 9.59 -4.37
CA VAL B 192 -19.54 8.98 -5.70
C VAL B 192 -18.12 8.56 -6.02
N MET B 193 -17.95 7.29 -6.40
CA MET B 193 -16.63 6.72 -6.53
C MET B 193 -16.22 6.39 -7.96
N SER B 194 -17.13 6.46 -8.92
CA SER B 194 -16.74 6.13 -10.29
C SER B 194 -17.72 6.77 -11.26
N LEU B 195 -17.27 6.90 -12.50
CA LEU B 195 -18.08 7.41 -13.59
C LEU B 195 -17.95 6.48 -14.80
N SER B 196 -18.98 6.52 -15.64
CA SER B 196 -18.96 5.78 -16.89
C SER B 196 -19.93 6.45 -17.84
N LEU B 197 -19.49 6.71 -19.06
CA LEU B 197 -20.33 7.36 -20.05
C LEU B 197 -20.78 6.37 -21.11
N ALA B 198 -22.05 6.46 -21.49
CA ALA B 198 -22.57 5.61 -22.53
C ALA B 198 -21.91 5.98 -23.87
N PRO B 199 -21.84 5.03 -24.81
CA PRO B 199 -21.20 5.35 -26.10
C PRO B 199 -21.84 6.50 -26.85
N ASP B 200 -23.14 6.76 -26.64
CA ASP B 200 -23.79 7.91 -27.23
C ASP B 200 -23.58 9.19 -26.44
N THR B 201 -22.93 9.10 -25.27
CA THR B 201 -22.58 10.22 -24.40
C THR B 201 -23.80 11.03 -23.94
N ARG B 202 -25.01 10.50 -24.12
CA ARG B 202 -26.20 11.21 -23.66
C ARG B 202 -26.60 10.80 -22.24
N LEU B 203 -26.16 9.63 -21.80
CA LEU B 203 -26.49 9.13 -20.47
C LEU B 203 -25.21 8.63 -19.81
N PHE B 204 -25.17 8.72 -18.47
CA PHE B 204 -24.02 8.20 -17.74
C PHE B 204 -24.46 7.74 -16.36
N VAL B 205 -23.80 6.70 -15.86
CA VAL B 205 -24.08 6.12 -14.56
C VAL B 205 -22.91 6.41 -13.63
N SER B 206 -23.20 6.42 -12.32
CA SER B 206 -22.19 6.73 -11.31
C SER B 206 -22.51 5.95 -10.05
N GLY B 207 -21.69 4.94 -9.75
CA GLY B 207 -21.81 4.25 -8.48
C GLY B 207 -21.22 5.07 -7.35
N ALA B 208 -21.88 5.03 -6.19
CA ALA B 208 -21.49 5.84 -5.05
C ALA B 208 -21.30 4.95 -3.83
N CYS B 209 -20.88 5.58 -2.73
CA CYS B 209 -20.69 4.86 -1.48
C CYS B 209 -22.02 4.71 -0.73
N ASP B 210 -23.04 4.24 -1.43
CA ASP B 210 -24.33 3.99 -0.79
C ASP B 210 -24.99 2.71 -1.33
N ALA B 211 -24.22 1.84 -1.97
CA ALA B 211 -24.73 0.61 -2.58
C ALA B 211 -25.85 0.92 -3.58
N SER B 212 -25.68 2.01 -4.33
CA SER B 212 -26.65 2.40 -5.34
C SER B 212 -25.93 3.05 -6.51
N ALA B 213 -26.34 2.69 -7.72
CA ALA B 213 -25.85 3.29 -8.95
C ALA B 213 -26.99 4.06 -9.61
N LYS B 214 -26.73 5.30 -10.01
CA LYS B 214 -27.75 6.18 -10.54
C LYS B 214 -27.46 6.48 -12.00
N LEU B 215 -28.49 6.38 -12.84
CA LEU B 215 -28.40 6.73 -14.25
C LEU B 215 -28.89 8.17 -14.45
N TRP B 216 -28.09 8.96 -15.17
CA TRP B 216 -28.36 10.38 -15.34
C TRP B 216 -28.42 10.73 -16.82
N ASP B 217 -29.03 11.87 -17.11
CA ASP B 217 -29.07 12.44 -18.44
C ASP B 217 -28.20 13.69 -18.47
N VAL B 218 -27.22 13.72 -19.39
CA VAL B 218 -26.28 14.83 -19.42
C VAL B 218 -26.97 16.11 -19.87
N ARG B 219 -27.96 15.98 -20.74
CA ARG B 219 -28.61 17.19 -21.29
C ARG B 219 -29.48 17.83 -20.21
N GLU B 220 -30.54 17.14 -19.78
CA GLU B 220 -31.49 17.74 -18.85
C GLU B 220 -30.88 17.90 -17.47
N GLY B 221 -30.16 16.88 -16.98
CA GLY B 221 -29.45 17.00 -15.73
C GLY B 221 -30.18 16.53 -14.49
N MET B 222 -31.04 15.52 -14.61
CA MET B 222 -31.72 14.94 -13.45
C MET B 222 -31.58 13.42 -13.50
N CYS B 223 -31.58 12.81 -12.32
CA CYS B 223 -31.47 11.36 -12.24
C CYS B 223 -32.70 10.70 -12.86
N ARG B 224 -32.45 9.68 -13.68
CA ARG B 224 -33.51 8.97 -14.40
C ARG B 224 -33.83 7.61 -13.78
N GLN B 225 -32.81 6.83 -13.43
CA GLN B 225 -33.00 5.48 -12.92
C GLN B 225 -31.99 5.26 -11.81
N THR B 226 -32.46 4.98 -10.59
CA THR B 226 -31.59 4.65 -9.48
C THR B 226 -31.57 3.14 -9.30
N PHE B 227 -30.39 2.54 -9.35
CA PHE B 227 -30.23 1.11 -9.29
C PHE B 227 -29.72 0.70 -7.91
N THR B 228 -30.30 -0.37 -7.36
CA THR B 228 -29.89 -0.91 -6.08
C THR B 228 -29.72 -2.42 -6.22
N GLY B 229 -29.08 -3.01 -5.22
CA GLY B 229 -28.84 -4.45 -5.23
C GLY B 229 -27.48 -4.82 -4.70
N HIS B 230 -26.67 -3.82 -4.34
CA HIS B 230 -25.35 -4.05 -3.79
C HIS B 230 -25.40 -4.02 -2.27
N GLU B 231 -24.43 -4.70 -1.65
CA GLU B 231 -24.37 -4.84 -0.21
C GLU B 231 -23.47 -3.82 0.46
N SER B 232 -22.78 -2.99 -0.33
CA SER B 232 -21.80 -2.06 0.29
C SER B 232 -21.41 -0.97 -0.68
N ASP B 233 -20.37 -0.22 -0.35
CA ASP B 233 -19.92 0.92 -1.19
C ASP B 233 -19.51 0.47 -2.57
N ILE B 234 -20.09 1.05 -3.61
CA ILE B 234 -19.72 0.76 -5.00
C ILE B 234 -18.47 1.57 -5.34
N ASN B 235 -17.44 0.88 -5.82
CA ASN B 235 -16.15 1.50 -6.10
C ASN B 235 -15.87 1.69 -7.58
N ALA B 236 -16.56 0.98 -8.46
CA ALA B 236 -16.30 1.07 -9.88
C ALA B 236 -17.59 0.82 -10.64
N ILE B 237 -17.63 1.32 -11.88
CA ILE B 237 -18.82 1.18 -12.72
C ILE B 237 -18.40 1.43 -14.16
N CYS B 238 -18.99 0.67 -15.08
CA CYS B 238 -18.74 0.83 -16.51
C CYS B 238 -19.96 0.38 -17.29
N PHE B 239 -20.17 0.99 -18.45
CA PHE B 239 -21.26 0.61 -19.35
C PHE B 239 -20.91 -0.62 -20.16
N PHE B 240 -21.94 -1.40 -20.44
CA PHE B 240 -21.78 -2.57 -21.33
C PHE B 240 -21.64 -1.96 -22.73
N PRO B 241 -20.82 -2.53 -23.62
CA PRO B 241 -20.57 -1.96 -24.96
C PRO B 241 -21.83 -1.68 -25.76
N ASN B 242 -22.92 -2.41 -25.51
CA ASN B 242 -24.19 -2.09 -26.14
C ASN B 242 -24.67 -0.71 -25.71
N GLY B 243 -24.32 -0.28 -24.51
CA GLY B 243 -24.74 0.99 -23.98
C GLY B 243 -26.05 0.96 -23.22
N ASN B 244 -26.73 -0.18 -23.18
CA ASN B 244 -28.00 -0.33 -22.47
C ASN B 244 -27.85 -1.23 -21.26
N ALA B 245 -26.68 -1.23 -20.64
CA ALA B 245 -26.41 -2.00 -19.44
C ALA B 245 -25.13 -1.50 -18.83
N PHE B 246 -24.90 -1.87 -17.57
CA PHE B 246 -23.68 -1.44 -16.89
C PHE B 246 -23.36 -2.40 -15.76
N ALA B 247 -22.08 -2.43 -15.38
CA ALA B 247 -21.59 -3.29 -14.32
C ALA B 247 -21.04 -2.43 -13.18
N THR B 248 -21.12 -2.97 -11.96
CA THR B 248 -20.71 -2.25 -10.76
C THR B 248 -19.84 -3.15 -9.89
N GLY B 249 -18.76 -2.60 -9.36
CA GLY B 249 -17.91 -3.29 -8.41
C GLY B 249 -17.92 -2.56 -7.07
N SER B 250 -18.07 -3.33 -6.00
CA SER B 250 -18.28 -2.77 -4.68
C SER B 250 -17.42 -3.50 -3.65
N ASP B 251 -17.51 -3.04 -2.40
CA ASP B 251 -16.74 -3.61 -1.30
C ASP B 251 -17.25 -4.95 -0.81
N ASP B 252 -18.43 -5.39 -1.26
CA ASP B 252 -18.95 -6.69 -0.86
C ASP B 252 -18.34 -7.84 -1.64
N ALA B 253 -17.23 -7.61 -2.34
CA ALA B 253 -16.56 -8.64 -3.14
C ALA B 253 -17.50 -9.24 -4.18
N THR B 254 -18.38 -8.41 -4.73
CA THR B 254 -19.37 -8.87 -5.70
C THR B 254 -19.54 -7.82 -6.78
N CYS B 255 -19.67 -8.28 -8.03
CA CYS B 255 -19.97 -7.43 -9.16
C CYS B 255 -21.39 -7.68 -9.64
N ARG B 256 -22.15 -6.60 -9.86
CA ARG B 256 -23.52 -6.69 -10.31
C ARG B 256 -23.66 -6.04 -11.67
N LEU B 257 -24.35 -6.72 -12.58
CA LEU B 257 -24.69 -6.18 -13.90
C LEU B 257 -26.15 -5.77 -13.91
N PHE B 258 -26.43 -4.56 -14.35
CA PHE B 258 -27.79 -4.03 -14.41
C PHE B 258 -28.20 -3.78 -15.85
N ASP B 259 -29.47 -3.49 -16.04
CA ASP B 259 -30.02 -3.12 -17.34
C ASP B 259 -30.77 -1.81 -17.19
N LEU B 260 -30.48 -0.85 -18.09
CA LEU B 260 -31.22 0.40 -18.09
C LEU B 260 -32.69 0.18 -18.43
N ARG B 261 -32.95 -0.71 -19.39
CA ARG B 261 -34.33 -0.97 -19.81
C ARG B 261 -35.09 -1.73 -18.72
N ALA B 262 -34.50 -2.81 -18.21
CA ALA B 262 -35.17 -3.61 -17.18
C ALA B 262 -35.18 -2.93 -15.82
N ASP B 263 -34.22 -2.03 -15.56
CA ASP B 263 -34.16 -1.28 -14.31
C ASP B 263 -34.03 -2.18 -13.08
N GLN B 264 -33.24 -3.24 -13.18
CA GLN B 264 -33.01 -4.14 -12.06
C GLN B 264 -31.67 -4.85 -12.23
N GLU B 265 -31.23 -5.48 -11.14
CA GLU B 265 -30.08 -6.36 -11.20
C GLU B 265 -30.35 -7.54 -12.11
N LEU B 266 -29.33 -7.96 -12.86
CA LEU B 266 -29.42 -9.13 -13.71
C LEU B 266 -28.63 -10.32 -13.17
N MET B 267 -27.34 -10.14 -12.91
CA MET B 267 -26.48 -11.25 -12.55
C MET B 267 -25.62 -10.85 -11.36
N THR B 268 -24.90 -11.84 -10.82
CA THR B 268 -24.10 -11.67 -9.63
C THR B 268 -22.75 -12.32 -9.87
N TYR B 269 -21.69 -11.52 -9.84
CA TYR B 269 -20.33 -12.03 -10.12
C TYR B 269 -19.55 -12.07 -8.80
N SER B 270 -19.68 -13.16 -8.06
CA SER B 270 -19.01 -13.33 -6.78
C SER B 270 -18.67 -14.80 -6.57
N HIS B 271 -17.68 -15.04 -5.73
CA HIS B 271 -17.27 -16.39 -5.37
C HIS B 271 -16.91 -16.42 -3.90
N ASP B 272 -17.00 -17.60 -3.30
CA ASP B 272 -16.65 -17.76 -1.90
C ASP B 272 -15.16 -17.68 -1.65
N ASN B 273 -14.34 -17.77 -2.71
CA ASN B 273 -12.89 -17.70 -2.56
C ASN B 273 -12.35 -16.28 -2.60
N ILE B 274 -13.12 -15.32 -3.08
CA ILE B 274 -12.71 -13.92 -3.11
C ILE B 274 -13.34 -13.21 -1.92
N ILE B 275 -12.50 -12.61 -1.09
CA ILE B 275 -12.95 -11.91 0.10
C ILE B 275 -12.78 -10.39 -0.01
N CYS B 276 -11.79 -9.93 -0.76
CA CYS B 276 -11.52 -8.51 -0.90
C CYS B 276 -12.49 -7.85 -1.87
N GLY B 277 -12.71 -6.55 -1.69
CA GLY B 277 -13.60 -5.81 -2.53
C GLY B 277 -13.00 -5.45 -3.88
N ILE B 278 -13.84 -4.91 -4.75
CA ILE B 278 -13.45 -4.53 -6.11
C ILE B 278 -13.10 -3.06 -6.14
N THR B 279 -12.04 -2.71 -6.90
CA THR B 279 -11.66 -1.32 -7.09
C THR B 279 -11.80 -0.83 -8.52
N SER B 280 -12.00 -1.72 -9.49
CA SER B 280 -12.08 -1.29 -10.89
C SER B 280 -12.78 -2.37 -11.70
N VAL B 281 -13.70 -1.97 -12.55
CA VAL B 281 -14.47 -2.88 -13.41
C VAL B 281 -14.48 -2.31 -14.82
N SER B 282 -14.29 -3.18 -15.82
CA SER B 282 -14.25 -2.72 -17.20
C SER B 282 -14.57 -3.88 -18.13
N PHE B 283 -15.62 -3.73 -18.94
CA PHE B 283 -15.90 -4.68 -20.01
C PHE B 283 -14.82 -4.56 -21.08
N SER B 284 -14.60 -5.65 -21.82
CA SER B 284 -13.47 -5.66 -22.74
C SER B 284 -13.78 -4.94 -24.05
N LYS B 285 -14.58 -5.57 -24.91
CA LYS B 285 -15.11 -4.88 -26.09
C LYS B 285 -16.54 -5.28 -26.44
N SER B 286 -17.02 -6.45 -26.03
CA SER B 286 -18.32 -6.95 -26.45
C SER B 286 -19.21 -7.30 -25.25
N GLY B 287 -18.77 -6.99 -24.04
CA GLY B 287 -19.56 -7.30 -22.87
C GLY B 287 -19.60 -8.77 -22.52
N ARG B 288 -18.74 -9.58 -23.11
CA ARG B 288 -18.61 -10.98 -22.75
C ARG B 288 -17.60 -11.20 -21.63
N LEU B 289 -16.58 -10.35 -21.55
CA LEU B 289 -15.58 -10.40 -20.50
C LEU B 289 -15.79 -9.21 -19.58
N LEU B 290 -15.72 -9.45 -18.26
CA LEU B 290 -15.87 -8.41 -17.26
C LEU B 290 -14.64 -8.51 -16.36
N LEU B 291 -13.65 -7.67 -16.62
CA LEU B 291 -12.44 -7.65 -15.81
C LEU B 291 -12.66 -6.76 -14.60
N ALA B 292 -12.45 -7.31 -13.40
CA ALA B 292 -12.66 -6.60 -12.15
C ALA B 292 -11.40 -6.65 -11.32
N GLY B 293 -10.97 -5.50 -10.81
CA GLY B 293 -9.77 -5.40 -10.00
C GLY B 293 -10.11 -5.42 -8.52
N TYR B 294 -9.46 -6.34 -7.80
CA TYR B 294 -9.75 -6.59 -6.40
C TYR B 294 -8.63 -6.07 -5.51
N ASP B 295 -8.84 -6.04 -4.21
CA ASP B 295 -7.78 -5.56 -3.30
C ASP B 295 -6.78 -6.68 -3.03
N ASP B 296 -7.09 -7.92 -3.39
CA ASP B 296 -6.20 -9.04 -3.10
C ASP B 296 -5.14 -9.16 -4.19
N PHE B 297 -4.68 -8.03 -4.72
CA PHE B 297 -3.52 -7.86 -5.59
C PHE B 297 -3.67 -8.44 -7.00
N ASN B 298 -4.78 -9.06 -7.34
CA ASN B 298 -5.00 -9.54 -8.71
C ASN B 298 -6.41 -9.19 -9.15
N CYS B 299 -6.59 -9.10 -10.47
CA CYS B 299 -7.86 -8.70 -11.07
C CYS B 299 -8.42 -9.88 -11.87
N ASN B 300 -9.45 -10.51 -11.32
CA ASN B 300 -10.06 -11.67 -11.97
C ASN B 300 -10.81 -11.24 -13.22
N VAL B 301 -10.94 -12.18 -14.16
CA VAL B 301 -11.68 -11.99 -15.40
C VAL B 301 -12.94 -12.82 -15.34
N TRP B 302 -14.11 -12.16 -15.37
CA TRP B 302 -15.38 -12.91 -15.20
C TRP B 302 -16.17 -12.92 -16.50
N ASP B 303 -16.74 -14.07 -16.86
CA ASP B 303 -17.61 -14.15 -18.07
C ASP B 303 -18.93 -13.48 -17.73
N ALA B 304 -19.21 -12.31 -18.30
CA ALA B 304 -20.44 -11.57 -17.94
C ALA B 304 -21.67 -12.43 -18.24
N LEU B 305 -21.71 -13.06 -19.42
CA LEU B 305 -22.89 -13.88 -19.81
C LEU B 305 -23.01 -15.09 -18.89
N LYS B 306 -21.92 -15.84 -18.71
CA LYS B 306 -21.98 -17.10 -17.90
C LYS B 306 -21.99 -16.76 -16.40
N ALA B 307 -21.79 -15.48 -16.04
CA ALA B 307 -21.84 -15.07 -14.62
C ALA B 307 -20.93 -15.95 -13.77
N ASP B 308 -19.73 -16.26 -14.28
CA ASP B 308 -18.77 -17.10 -13.52
C ASP B 308 -17.35 -16.56 -13.75
N ARG B 309 -16.36 -17.09 -13.02
CA ARG B 309 -14.99 -16.65 -13.24
C ARG B 309 -14.31 -17.53 -14.26
N ALA B 310 -13.61 -16.91 -15.21
CA ALA B 310 -12.98 -17.63 -16.31
C ALA B 310 -11.55 -17.13 -16.55
N GLY B 311 -10.92 -16.56 -15.53
CA GLY B 311 -9.56 -16.09 -15.67
C GLY B 311 -9.09 -15.23 -14.51
N VAL B 312 -7.79 -15.30 -14.22
CA VAL B 312 -7.19 -14.52 -13.14
C VAL B 312 -5.96 -13.83 -13.70
N LEU B 313 -5.84 -12.53 -13.41
CA LEU B 313 -4.71 -11.73 -13.89
C LEU B 313 -3.85 -11.38 -12.68
N ALA B 314 -2.93 -12.28 -12.34
CA ALA B 314 -2.03 -12.09 -11.21
C ALA B 314 -0.68 -11.57 -11.70
N GLY B 315 0.03 -10.90 -10.80
CA GLY B 315 1.32 -10.32 -11.15
C GLY B 315 1.61 -8.99 -10.49
N HIS B 316 0.61 -8.43 -9.80
CA HIS B 316 0.80 -7.17 -9.09
C HIS B 316 1.12 -7.42 -7.63
N ASP B 317 2.01 -6.59 -7.09
CA ASP B 317 2.49 -6.73 -5.71
C ASP B 317 1.67 -5.92 -4.72
N ASN B 318 0.63 -5.24 -5.18
CA ASN B 318 -0.21 -4.43 -4.30
C ASN B 318 -1.60 -4.32 -4.91
N ARG B 319 -2.44 -3.48 -4.31
CA ARG B 319 -3.85 -3.37 -4.76
C ARG B 319 -3.95 -2.89 -6.18
N VAL B 320 -4.77 -3.53 -6.99
CA VAL B 320 -5.02 -3.13 -8.36
C VAL B 320 -6.03 -1.99 -8.31
N SER B 321 -5.54 -0.76 -8.27
CA SER B 321 -6.41 0.39 -8.09
C SER B 321 -7.20 0.72 -9.36
N CYS B 322 -6.57 0.62 -10.52
CA CYS B 322 -7.18 1.02 -11.77
C CYS B 322 -7.07 -0.08 -12.80
N LEU B 323 -8.07 -0.16 -13.67
CA LEU B 323 -8.13 -1.23 -14.69
C LEU B 323 -8.95 -0.71 -15.86
N GLY B 324 -8.32 -0.57 -17.03
CA GLY B 324 -9.00 -0.08 -18.22
C GLY B 324 -8.69 -0.89 -19.46
N VAL B 325 -9.66 -0.99 -20.36
CA VAL B 325 -9.51 -1.77 -21.58
C VAL B 325 -9.43 -0.81 -22.77
N THR B 326 -8.66 -1.20 -23.78
CA THR B 326 -8.54 -0.40 -24.99
C THR B 326 -9.87 -0.31 -25.71
N ASP B 327 -10.08 0.81 -26.41
CA ASP B 327 -11.33 1.02 -27.13
C ASP B 327 -11.49 0.11 -28.34
N ASP B 328 -10.42 -0.55 -28.78
CA ASP B 328 -10.50 -1.50 -29.88
C ASP B 328 -10.39 -2.94 -29.41
N GLY B 329 -10.24 -3.18 -28.11
CA GLY B 329 -10.24 -4.52 -27.56
C GLY B 329 -8.92 -5.26 -27.69
N MET B 330 -7.87 -4.61 -28.16
CA MET B 330 -6.60 -5.30 -28.39
C MET B 330 -5.79 -5.50 -27.12
N ALA B 331 -6.10 -4.79 -26.03
CA ALA B 331 -5.33 -4.91 -24.81
C ALA B 331 -6.13 -4.39 -23.64
N VAL B 332 -5.67 -4.72 -22.44
CA VAL B 332 -6.23 -4.24 -21.18
C VAL B 332 -5.07 -3.89 -20.26
N ALA B 333 -5.12 -2.71 -19.65
CA ALA B 333 -4.07 -2.29 -18.73
C ALA B 333 -4.56 -2.32 -17.30
N THR B 334 -3.68 -2.74 -16.40
CA THR B 334 -4.00 -2.87 -14.97
C THR B 334 -2.93 -2.13 -14.18
N GLY B 335 -3.17 -0.85 -13.87
CA GLY B 335 -2.34 -0.17 -12.91
C GLY B 335 -2.61 -0.64 -11.51
N SER B 336 -1.66 -0.41 -10.62
CA SER B 336 -1.78 -0.90 -9.25
C SER B 336 -0.93 -0.03 -8.34
N TRP B 337 -1.00 -0.32 -7.04
CA TRP B 337 -0.30 0.45 -6.02
C TRP B 337 1.19 0.15 -5.96
N ASP B 338 1.64 -0.82 -6.75
CA ASP B 338 3.08 -1.22 -6.76
C ASP B 338 3.88 -0.31 -7.69
N SER B 339 3.26 0.76 -8.23
CA SER B 339 3.96 1.74 -9.11
C SER B 339 4.24 1.15 -10.50
N PHE B 340 3.38 0.27 -11.00
CA PHE B 340 3.58 -0.34 -12.30
C PHE B 340 2.21 -0.47 -12.96
N LEU B 341 2.16 -0.18 -14.26
CA LEU B 341 1.02 -0.53 -15.09
C LEU B 341 1.41 -1.75 -15.92
N LYS B 342 0.61 -2.80 -15.85
CA LYS B 342 0.81 -3.99 -16.65
C LYS B 342 -0.28 -4.06 -17.71
N ILE B 343 0.12 -4.13 -18.98
CA ILE B 343 -0.81 -4.29 -20.09
C ILE B 343 -0.85 -5.76 -20.48
N TRP B 344 -2.06 -6.32 -20.51
CA TRP B 344 -2.26 -7.74 -20.73
C TRP B 344 -3.03 -7.96 -22.02
N ASN B 345 -2.80 -9.11 -22.64
CA ASN B 345 -3.48 -9.44 -23.89
C ASN B 345 -3.54 -10.95 -24.07
N THR C 6 -37.37 23.75 6.59
CA THR C 6 -37.79 22.35 6.55
C THR C 6 -37.18 21.64 5.35
N ALA C 7 -35.87 21.36 5.42
CA ALA C 7 -35.20 20.69 4.32
C ALA C 7 -35.53 19.20 4.28
N SER C 8 -35.93 18.62 5.43
CA SER C 8 -36.24 17.20 5.45
C SER C 8 -37.43 16.86 4.56
N ILE C 9 -38.51 17.64 4.67
CA ILE C 9 -39.68 17.38 3.82
C ILE C 9 -39.37 17.68 2.36
N ALA C 10 -38.51 18.67 2.10
CA ALA C 10 -38.11 18.94 0.73
C ALA C 10 -37.35 17.76 0.12
N GLN C 11 -36.42 17.18 0.89
CA GLN C 11 -35.70 16.01 0.41
C GLN C 11 -36.64 14.82 0.23
N ALA C 12 -37.60 14.66 1.15
CA ALA C 12 -38.56 13.57 1.02
C ALA C 12 -39.39 13.72 -0.25
N ARG C 13 -39.85 14.94 -0.53
CA ARG C 13 -40.63 15.19 -1.74
C ARG C 13 -39.80 14.97 -3.00
N LYS C 14 -38.53 15.39 -2.96
CA LYS C 14 -37.64 15.16 -4.09
C LYS C 14 -37.45 13.67 -4.34
N LEU C 15 -37.27 12.89 -3.27
CA LEU C 15 -37.14 11.45 -3.42
C LEU C 15 -38.42 10.83 -3.93
N VAL C 16 -39.57 11.33 -3.49
CA VAL C 16 -40.85 10.82 -3.97
C VAL C 16 -41.00 11.07 -5.47
N GLU C 17 -40.66 12.28 -5.92
CA GLU C 17 -40.73 12.59 -7.34
C GLU C 17 -39.75 11.74 -8.14
N GLN C 18 -38.55 11.55 -7.61
CA GLN C 18 -37.55 10.72 -8.29
C GLN C 18 -38.05 9.28 -8.43
N LEU C 19 -38.61 8.72 -7.36
CA LEU C 19 -39.13 7.36 -7.41
C LEU C 19 -40.32 7.26 -8.36
N LYS C 20 -41.18 8.29 -8.39
CA LYS C 20 -42.31 8.28 -9.32
C LYS C 20 -41.83 8.27 -10.77
N MET C 21 -40.85 9.11 -11.08
CA MET C 21 -40.38 9.17 -12.46
C MET C 21 -39.46 8.01 -12.82
N GLU C 22 -38.99 7.26 -11.83
CA GLU C 22 -38.42 5.94 -12.13
C GLU C 22 -39.51 4.92 -12.41
N ALA C 23 -40.61 4.98 -11.65
CA ALA C 23 -41.68 4.00 -11.77
C ALA C 23 -42.39 4.11 -13.11
N ASN C 24 -42.64 5.34 -13.58
CA ASN C 24 -43.39 5.50 -14.81
C ASN C 24 -42.58 5.11 -16.05
N ILE C 25 -41.28 4.87 -15.91
CA ILE C 25 -40.47 4.44 -17.04
C ILE C 25 -40.84 3.01 -17.42
N ASP C 26 -41.07 2.80 -18.72
CA ASP C 26 -41.40 1.46 -19.20
C ASP C 26 -40.18 0.55 -19.07
N ARG C 27 -40.42 -0.68 -18.62
CA ARG C 27 -39.37 -1.68 -18.46
C ARG C 27 -39.69 -2.89 -19.33
N ILE C 28 -38.73 -3.32 -20.13
CA ILE C 28 -38.90 -4.50 -20.97
C ILE C 28 -38.72 -5.75 -20.11
N LYS C 29 -39.08 -6.90 -20.66
CA LYS C 29 -38.90 -8.14 -19.94
C LYS C 29 -37.42 -8.43 -19.70
N VAL C 30 -37.12 -9.02 -18.54
CA VAL C 30 -35.74 -9.40 -18.24
C VAL C 30 -35.26 -10.45 -19.22
N SER C 31 -36.17 -11.33 -19.65
CA SER C 31 -35.82 -12.29 -20.70
C SER C 31 -35.43 -11.59 -21.99
N LYS C 32 -36.18 -10.55 -22.36
CA LYS C 32 -35.84 -9.78 -23.55
C LYS C 32 -34.49 -9.10 -23.40
N ALA C 33 -34.22 -8.53 -22.23
CA ALA C 33 -32.93 -7.87 -22.00
C ALA C 33 -31.77 -8.87 -22.11
N ALA C 34 -31.94 -10.04 -21.49
CA ALA C 34 -30.90 -11.06 -21.56
C ALA C 34 -30.70 -11.54 -23.00
N ALA C 35 -31.80 -11.70 -23.74
CA ALA C 35 -31.68 -12.10 -25.14
C ALA C 35 -30.95 -11.06 -25.96
N ASP C 36 -31.24 -9.77 -25.71
CA ASP C 36 -30.53 -8.71 -26.43
C ASP C 36 -29.05 -8.70 -26.09
N LEU C 37 -28.70 -8.90 -24.82
CA LEU C 37 -27.29 -8.96 -24.45
C LEU C 37 -26.60 -10.15 -25.09
N MET C 38 -27.26 -11.31 -25.11
CA MET C 38 -26.72 -12.48 -25.80
C MET C 38 -26.50 -12.21 -27.27
N ALA C 39 -27.47 -11.57 -27.92
CA ALA C 39 -27.35 -11.26 -29.34
C ALA C 39 -26.19 -10.31 -29.59
N TYR C 40 -26.04 -9.30 -28.74
CA TYR C 40 -24.93 -8.35 -28.90
C TYR C 40 -23.59 -9.06 -28.75
N CYS C 41 -23.47 -9.90 -27.72
CA CYS C 41 -22.20 -10.60 -27.51
C CYS C 41 -21.89 -11.55 -28.65
N GLU C 42 -22.90 -12.27 -29.16
CA GLU C 42 -22.68 -13.16 -30.29
C GLU C 42 -22.29 -12.39 -31.53
N ALA C 43 -22.94 -11.25 -31.78
CA ALA C 43 -22.60 -10.44 -32.95
C ALA C 43 -21.18 -9.90 -32.87
N HIS C 44 -20.76 -9.47 -31.68
CA HIS C 44 -19.43 -8.89 -31.50
C HIS C 44 -18.43 -9.88 -30.93
N ALA C 45 -18.76 -11.18 -30.92
CA ALA C 45 -17.82 -12.17 -30.40
C ALA C 45 -16.56 -12.25 -31.25
N LYS C 46 -16.71 -12.22 -32.57
CA LYS C 46 -15.55 -12.32 -33.45
C LYS C 46 -14.69 -11.06 -33.41
N GLU C 47 -15.24 -9.95 -32.91
CA GLU C 47 -14.54 -8.67 -32.90
C GLU C 47 -13.86 -8.40 -31.55
N ASP C 48 -13.87 -9.38 -30.65
CA ASP C 48 -13.25 -9.21 -29.33
C ASP C 48 -11.94 -9.98 -29.27
N PRO C 49 -10.79 -9.32 -29.38
CA PRO C 49 -9.52 -10.04 -29.29
C PRO C 49 -9.28 -10.70 -27.94
N LEU C 50 -9.83 -10.13 -26.86
CA LEU C 50 -9.63 -10.71 -25.54
C LEU C 50 -10.37 -12.03 -25.40
N LEU C 51 -11.57 -12.14 -25.99
CA LEU C 51 -12.32 -13.39 -25.96
C LEU C 51 -11.60 -14.47 -26.75
N THR C 52 -11.21 -14.17 -27.99
CA THR C 52 -10.47 -15.09 -28.84
C THR C 52 -9.13 -14.45 -29.19
N PRO C 53 -8.01 -15.01 -28.73
CA PRO C 53 -6.71 -14.34 -28.93
C PRO C 53 -6.42 -14.13 -30.41
N VAL C 54 -5.91 -12.94 -30.73
CA VAL C 54 -5.59 -12.54 -32.09
C VAL C 54 -4.22 -13.12 -32.46
N PRO C 55 -3.97 -13.44 -33.72
CA PRO C 55 -2.61 -13.83 -34.12
C PRO C 55 -1.62 -12.72 -33.84
N ALA C 56 -0.38 -13.12 -33.52
CA ALA C 56 0.64 -12.18 -33.09
C ALA C 56 0.96 -11.12 -34.14
N SER C 57 0.71 -11.40 -35.43
CA SER C 57 0.96 -10.41 -36.46
C SER C 57 0.08 -9.18 -36.27
N GLU C 58 -1.21 -9.39 -36.01
CA GLU C 58 -2.11 -8.25 -35.80
C GLU C 58 -1.94 -7.67 -34.41
N ASN C 59 -1.44 -8.47 -33.46
CA ASN C 59 -1.23 -8.02 -32.10
C ASN C 59 -0.10 -6.99 -32.06
N PRO C 60 -0.37 -5.77 -31.59
CA PRO C 60 0.70 -4.76 -31.53
C PRO C 60 1.53 -4.80 -30.27
N PHE C 61 1.18 -5.66 -29.30
CA PHE C 61 1.89 -5.76 -28.05
C PHE C 61 2.81 -6.97 -27.96
N ARG C 62 3.09 -7.62 -29.09
CA ARG C 62 3.96 -8.80 -29.09
C ARG C 62 5.37 -8.44 -28.61
N GLN D 2 -32.08 -3.95 -2.32
CA GLN D 2 -31.67 -2.73 -1.64
C GLN D 2 -31.40 -2.99 -0.17
N VAL D 3 -30.29 -2.43 0.34
CA VAL D 3 -30.00 -2.53 1.77
C VAL D 3 -31.04 -1.74 2.54
N GLN D 4 -31.55 -2.35 3.62
CA GLN D 4 -32.58 -1.72 4.44
C GLN D 4 -32.32 -2.04 5.89
N LEU D 5 -32.51 -1.03 6.74
CA LEU D 5 -32.31 -1.17 8.19
C LEU D 5 -33.49 -0.49 8.87
N GLN D 6 -34.44 -1.29 9.36
CA GLN D 6 -35.62 -0.77 10.04
C GLN D 6 -35.59 -1.17 11.50
N GLU D 7 -35.78 -0.19 12.38
CA GLU D 7 -35.78 -0.42 13.82
C GLU D 7 -37.19 -0.44 14.36
N SER D 8 -37.44 -1.34 15.31
CA SER D 8 -38.71 -1.42 16.01
C SER D 8 -38.44 -1.39 17.51
N GLY D 9 -39.09 -0.47 18.21
CA GLY D 9 -38.94 -0.32 19.63
C GLY D 9 -38.98 1.14 20.02
N GLY D 10 -38.60 1.41 21.26
CA GLY D 10 -38.58 2.78 21.76
C GLY D 10 -39.94 3.23 22.26
N GLY D 11 -39.95 4.43 22.82
CA GLY D 11 -41.15 5.03 23.35
C GLY D 11 -40.83 5.83 24.60
N LEU D 12 -41.87 6.06 25.40
CA LEU D 12 -41.73 6.80 26.65
C LEU D 12 -41.68 5.83 27.82
N VAL D 13 -40.57 5.86 28.55
CA VAL D 13 -40.38 5.00 29.72
C VAL D 13 -39.80 5.84 30.85
N GLN D 14 -40.20 5.53 32.08
CA GLN D 14 -39.69 6.20 33.25
C GLN D 14 -38.23 5.84 33.49
N PRO D 15 -37.49 6.66 34.23
CA PRO D 15 -36.10 6.31 34.56
C PRO D 15 -36.01 4.97 35.28
N GLY D 16 -34.99 4.21 34.93
CA GLY D 16 -34.83 2.86 35.44
C GLY D 16 -35.56 1.80 34.65
N GLY D 17 -36.27 2.17 33.59
CA GLY D 17 -37.00 1.22 32.79
C GLY D 17 -36.11 0.47 31.82
N SER D 18 -36.72 -0.42 31.05
CA SER D 18 -36.02 -1.25 30.09
C SER D 18 -36.72 -1.20 28.75
N LEU D 19 -35.91 -1.24 27.68
CA LEU D 19 -36.42 -1.25 26.31
C LEU D 19 -35.50 -2.10 25.46
N ARG D 20 -36.05 -3.12 24.81
CA ARG D 20 -35.27 -3.95 23.90
C ARG D 20 -35.52 -3.46 22.48
N LEU D 21 -34.66 -2.56 22.01
CA LEU D 21 -34.73 -2.09 20.64
C LEU D 21 -34.46 -3.25 19.68
N SER D 22 -35.17 -3.24 18.55
CA SER D 22 -35.05 -4.31 17.57
C SER D 22 -34.88 -3.70 16.18
N CYS D 23 -33.73 -3.95 15.57
CA CYS D 23 -33.42 -3.46 14.22
C CYS D 23 -33.45 -4.64 13.25
N ALA D 24 -34.36 -4.59 12.30
CA ALA D 24 -34.45 -5.61 11.26
C ALA D 24 -33.64 -5.15 10.05
N ALA D 25 -32.68 -5.97 9.64
CA ALA D 25 -31.75 -5.63 8.57
C ALA D 25 -31.89 -6.66 7.46
N SER D 26 -32.47 -6.26 6.34
CA SER D 26 -32.64 -7.11 5.18
C SER D 26 -31.87 -6.54 3.99
N GLY D 27 -31.66 -7.41 3.00
CA GLY D 27 -30.96 -6.99 1.79
C GLY D 27 -29.52 -7.44 1.72
N PHE D 28 -28.84 -7.46 2.86
CA PHE D 28 -27.44 -7.86 2.92
C PHE D 28 -27.28 -9.05 3.85
N THR D 29 -26.08 -9.64 3.80
CA THR D 29 -25.74 -10.77 4.67
C THR D 29 -25.47 -10.24 6.07
N PHE D 30 -26.49 -10.34 6.94
CA PHE D 30 -26.35 -9.80 8.28
C PHE D 30 -25.25 -10.51 9.07
N SER D 31 -25.09 -11.81 8.84
CA SER D 31 -24.08 -12.61 9.53
C SER D 31 -22.66 -12.25 9.14
N ASN D 32 -22.48 -11.33 8.19
CA ASN D 32 -21.15 -11.00 7.68
C ASN D 32 -20.63 -9.61 7.99
N TYR D 33 -21.40 -8.76 8.68
CA TYR D 33 -21.03 -7.38 8.93
C TYR D 33 -20.96 -7.12 10.43
N LYS D 34 -19.95 -6.37 10.84
CA LYS D 34 -19.98 -5.80 12.18
C LYS D 34 -21.14 -4.82 12.28
N MET D 35 -21.81 -4.82 13.43
CA MET D 35 -23.03 -4.06 13.61
C MET D 35 -22.87 -3.13 14.80
N ASN D 36 -23.34 -1.90 14.65
CA ASN D 36 -23.21 -0.87 15.67
C ASN D 36 -24.59 -0.40 16.13
N TRP D 37 -24.59 0.35 17.23
CA TRP D 37 -25.74 1.12 17.67
C TRP D 37 -25.28 2.56 17.81
N VAL D 38 -25.94 3.47 17.11
CA VAL D 38 -25.57 4.88 17.10
C VAL D 38 -26.76 5.69 17.58
N ARG D 39 -26.52 6.57 18.55
CA ARG D 39 -27.57 7.40 19.12
C ARG D 39 -27.21 8.87 18.98
N GLN D 40 -28.22 9.69 18.69
CA GLN D 40 -28.05 11.12 18.51
C GLN D 40 -28.94 11.84 19.52
N ALA D 41 -28.33 12.47 20.50
CA ALA D 41 -29.09 13.25 21.46
C ALA D 41 -29.69 14.49 20.77
N PRO D 42 -30.92 14.86 21.10
CA PRO D 42 -31.50 16.08 20.50
C PRO D 42 -30.64 17.30 20.79
N GLY D 43 -30.12 17.90 19.73
CA GLY D 43 -29.21 19.02 19.86
C GLY D 43 -27.74 18.67 19.88
N LYS D 44 -27.39 17.41 19.68
CA LYS D 44 -26.00 16.95 19.70
C LYS D 44 -25.74 16.08 18.48
N GLY D 45 -24.45 15.91 18.18
CA GLY D 45 -24.06 15.05 17.09
C GLY D 45 -24.22 13.58 17.41
N LEU D 46 -24.19 12.76 16.36
CA LEU D 46 -24.34 11.31 16.54
C LEU D 46 -23.18 10.75 17.35
N GLU D 47 -23.51 9.86 18.28
CA GLU D 47 -22.52 9.21 19.13
C GLU D 47 -22.67 7.71 19.05
N TRP D 48 -21.55 7.02 18.83
CA TRP D 48 -21.53 5.56 18.86
C TRP D 48 -21.77 5.10 20.28
N VAL D 49 -22.74 4.20 20.47
CA VAL D 49 -23.15 3.78 21.81
C VAL D 49 -22.90 2.31 22.08
N SER D 50 -22.78 1.47 21.06
CA SER D 50 -22.53 0.05 21.27
C SER D 50 -21.93 -0.54 20.00
N ASP D 51 -21.46 -1.78 20.13
CA ASP D 51 -20.86 -2.48 18.99
C ASP D 51 -20.87 -3.96 19.28
N ILE D 52 -20.87 -4.75 18.20
CA ILE D 52 -20.84 -6.20 18.30
C ILE D 52 -19.84 -6.68 17.25
N SER D 53 -19.67 -7.98 17.08
CA SER D 53 -18.81 -8.53 16.05
C SER D 53 -19.66 -9.28 15.02
N GLN D 54 -18.99 -9.91 14.06
CA GLN D 54 -19.71 -10.72 13.07
C GLN D 54 -20.41 -11.89 13.75
N SER D 55 -19.73 -12.54 14.69
CA SER D 55 -20.32 -13.65 15.44
C SER D 55 -20.96 -13.19 16.74
N GLY D 56 -20.32 -12.25 17.44
CA GLY D 56 -20.85 -11.76 18.69
C GLY D 56 -19.91 -11.95 19.86
N ALA D 57 -18.61 -12.07 19.57
CA ALA D 57 -17.61 -12.30 20.60
C ALA D 57 -16.75 -11.08 20.91
N SER D 58 -16.73 -10.09 20.03
CA SER D 58 -15.93 -8.87 20.23
C SER D 58 -16.81 -7.70 20.68
N ILE D 59 -17.79 -7.99 21.52
CA ILE D 59 -18.74 -6.96 21.94
C ILE D 59 -18.01 -5.87 22.74
N SER D 60 -18.29 -4.61 22.39
CA SER D 60 -17.72 -3.47 23.07
C SER D 60 -18.79 -2.40 23.23
N TYR D 61 -18.68 -1.60 24.29
CA TYR D 61 -19.68 -0.59 24.61
C TYR D 61 -19.00 0.74 24.81
N THR D 62 -19.78 1.82 24.64
CA THR D 62 -19.31 3.11 25.11
C THR D 62 -19.35 3.14 26.63
N GLY D 63 -18.62 4.09 27.21
CA GLY D 63 -18.50 4.14 28.66
C GLY D 63 -19.82 4.42 29.36
N SER D 64 -20.63 5.31 28.78
CA SER D 64 -21.84 5.78 29.44
C SER D 64 -22.90 4.69 29.61
N VAL D 65 -22.79 3.55 28.93
CA VAL D 65 -23.82 2.53 28.97
C VAL D 65 -23.30 1.16 29.41
N LYS D 66 -22.02 1.04 29.74
CA LYS D 66 -21.50 -0.24 30.20
C LYS D 66 -22.20 -0.66 31.49
N GLY D 67 -22.63 -1.93 31.53
CA GLY D 67 -23.38 -2.43 32.65
C GLY D 67 -24.85 -2.10 32.64
N ARG D 68 -25.32 -1.41 31.60
CA ARG D 68 -26.75 -0.99 31.52
C ARG D 68 -27.37 -1.46 30.21
N PHE D 69 -26.63 -1.38 29.10
CA PHE D 69 -27.11 -1.87 27.81
C PHE D 69 -26.42 -3.19 27.49
N THR D 70 -27.12 -4.04 26.74
CA THR D 70 -26.51 -5.27 26.25
C THR D 70 -26.98 -5.51 24.81
N ILE D 71 -26.03 -5.82 23.94
CA ILE D 71 -26.30 -6.01 22.52
C ILE D 71 -26.26 -7.50 22.21
N SER D 72 -27.11 -7.92 21.28
CA SER D 72 -27.17 -9.32 20.87
C SER D 72 -27.58 -9.41 19.42
N ARG D 73 -26.99 -10.36 18.70
CA ARG D 73 -27.24 -10.55 17.28
C ARG D 73 -27.80 -11.95 17.05
N ASP D 74 -28.84 -12.04 16.21
CA ASP D 74 -29.38 -13.32 15.75
C ASP D 74 -29.04 -13.47 14.27
N ASN D 75 -28.08 -14.34 13.97
CA ASN D 75 -27.66 -14.53 12.58
C ASN D 75 -28.80 -15.11 11.75
N ALA D 76 -29.51 -16.10 12.27
CA ALA D 76 -30.58 -16.74 11.51
C ALA D 76 -31.73 -15.77 11.25
N LYS D 77 -32.10 -14.98 12.24
CA LYS D 77 -33.21 -14.04 12.11
C LYS D 77 -32.82 -12.74 11.43
N ASN D 78 -31.53 -12.51 11.19
CA ASN D 78 -31.03 -11.30 10.55
C ASN D 78 -31.49 -10.05 11.32
N THR D 79 -31.55 -10.17 12.64
CA THR D 79 -32.05 -9.12 13.51
C THR D 79 -31.09 -8.95 14.68
N LEU D 80 -30.99 -7.71 15.16
CA LEU D 80 -30.11 -7.38 16.27
C LEU D 80 -30.84 -6.49 17.25
N TYR D 81 -30.50 -6.64 18.53
CA TYR D 81 -31.23 -6.00 19.62
C TYR D 81 -30.27 -5.24 20.53
N LEU D 82 -30.85 -4.34 21.32
CA LEU D 82 -30.11 -3.57 22.32
C LEU D 82 -31.01 -3.43 23.55
N GLN D 83 -30.84 -4.32 24.51
CA GLN D 83 -31.65 -4.28 25.73
C GLN D 83 -31.18 -3.12 26.59
N MET D 84 -31.88 -1.99 26.50
CA MET D 84 -31.49 -0.76 27.19
C MET D 84 -32.22 -0.67 28.53
N ASN D 85 -31.80 -1.53 29.45
CA ASN D 85 -32.40 -1.55 30.78
C ASN D 85 -31.76 -0.50 31.68
N SER D 86 -32.48 -0.15 32.75
CA SER D 86 -32.03 0.86 33.71
C SER D 86 -31.70 2.18 33.03
N LEU D 87 -32.58 2.62 32.12
CA LEU D 87 -32.35 3.84 31.37
C LEU D 87 -32.40 5.06 32.29
N LYS D 88 -31.53 6.02 31.99
CA LYS D 88 -31.44 7.28 32.72
C LYS D 88 -31.93 8.43 31.85
N PRO D 89 -32.24 9.59 32.46
CA PRO D 89 -32.70 10.72 31.65
C PRO D 89 -31.70 11.17 30.60
N GLU D 90 -30.41 10.90 30.80
CA GLU D 90 -29.41 11.26 29.80
C GLU D 90 -29.51 10.40 28.55
N ASP D 91 -30.29 9.32 28.58
CA ASP D 91 -30.39 8.40 27.47
C ASP D 91 -31.46 8.80 26.45
N THR D 92 -32.08 9.97 26.60
CA THR D 92 -33.08 10.42 25.63
C THR D 92 -32.38 10.82 24.33
N ALA D 93 -32.71 10.12 23.25
CA ALA D 93 -32.06 10.32 21.97
C ALA D 93 -32.80 9.49 20.93
N VAL D 94 -32.33 9.57 19.68
CA VAL D 94 -32.81 8.72 18.60
C VAL D 94 -31.72 7.69 18.30
N TYR D 95 -32.08 6.42 18.32
CA TYR D 95 -31.12 5.34 18.22
C TYR D 95 -31.12 4.75 16.83
N TYR D 96 -29.93 4.59 16.26
CA TYR D 96 -29.73 4.05 14.93
C TYR D 96 -28.94 2.76 15.01
N CYS D 97 -29.20 1.86 14.06
CA CYS D 97 -28.55 0.56 14.05
C CYS D 97 -27.62 0.42 12.86
N ALA D 98 -26.85 1.48 12.59
CA ALA D 98 -25.99 1.52 11.41
C ALA D 98 -25.02 0.35 11.38
N ARG D 99 -24.89 -0.30 10.22
CA ARG D 99 -23.91 -1.40 10.10
C ARG D 99 -22.60 -0.78 9.69
N CYS D 100 -21.66 -1.60 9.24
CA CYS D 100 -20.35 -1.09 8.86
C CYS D 100 -20.14 -1.10 7.36
N PRO D 101 -19.29 -0.21 6.84
CA PRO D 101 -19.22 -0.04 5.38
C PRO D 101 -18.91 -1.30 4.60
N ALA D 102 -18.02 -2.15 5.11
CA ALA D 102 -17.61 -3.34 4.37
C ALA D 102 -17.64 -4.55 5.29
N PRO D 103 -17.91 -5.73 4.74
CA PRO D 103 -17.84 -6.96 5.53
C PRO D 103 -16.40 -7.46 5.57
N PHE D 104 -16.15 -8.46 6.42
CA PHE D 104 -14.86 -9.11 6.60
C PHE D 104 -13.82 -8.21 7.26
N THR D 105 -14.21 -7.02 7.72
CA THR D 105 -13.26 -6.05 8.25
C THR D 105 -13.50 -5.83 9.74
N ARG D 106 -12.41 -5.62 10.47
CA ARG D 106 -12.47 -5.31 11.90
C ARG D 106 -12.57 -3.82 12.18
N ASP D 107 -12.53 -2.98 11.14
CA ASP D 107 -12.68 -1.54 11.30
C ASP D 107 -14.04 -1.11 10.77
N CYS D 108 -14.74 -0.29 11.54
CA CYS D 108 -15.96 0.35 11.08
C CYS D 108 -15.65 1.84 10.98
N PHE D 109 -15.12 2.22 9.81
CA PHE D 109 -14.41 3.48 9.71
C PHE D 109 -15.34 4.67 9.78
N ASP D 110 -16.58 4.53 9.29
CA ASP D 110 -17.52 5.64 9.25
C ASP D 110 -18.90 5.11 9.58
N VAL D 111 -19.33 5.29 10.83
CA VAL D 111 -20.67 4.90 11.24
C VAL D 111 -21.42 6.00 11.98
N THR D 112 -20.73 7.04 12.47
CA THR D 112 -21.38 8.13 13.19
C THR D 112 -21.42 9.42 12.36
N SER D 113 -21.25 9.31 11.05
CA SER D 113 -21.25 10.49 10.20
C SER D 113 -22.66 11.09 10.10
N THR D 114 -22.70 12.35 9.65
CA THR D 114 -23.98 13.05 9.56
C THR D 114 -24.90 12.38 8.55
N THR D 115 -24.37 11.93 7.42
CA THR D 115 -25.15 11.39 6.32
C THR D 115 -24.64 10.01 5.93
N TYR D 116 -24.45 9.13 6.92
CA TYR D 116 -24.04 7.77 6.64
C TYR D 116 -25.13 7.03 5.87
N ALA D 117 -24.71 6.29 4.85
CA ALA D 117 -25.67 5.65 3.95
C ALA D 117 -26.41 4.51 4.64
N TYR D 118 -25.72 3.73 5.47
CA TYR D 118 -26.27 2.49 6.00
C TYR D 118 -26.77 2.62 7.44
N ARG D 119 -27.37 3.76 7.79
CA ARG D 119 -28.09 3.92 9.04
C ARG D 119 -29.55 3.55 8.83
N GLY D 120 -30.23 3.20 9.92
CA GLY D 120 -31.66 3.03 9.88
C GLY D 120 -32.39 4.35 10.03
N GLN D 121 -33.72 4.28 9.93
CA GLN D 121 -34.54 5.47 10.15
C GLN D 121 -34.44 5.93 11.60
N GLY D 122 -34.48 4.99 12.54
CA GLY D 122 -34.30 5.31 13.94
C GLY D 122 -35.59 5.32 14.75
N THR D 123 -35.46 5.12 16.06
CA THR D 123 -36.61 5.15 16.96
C THR D 123 -36.30 6.15 18.06
N GLN D 124 -37.14 7.17 18.19
CA GLN D 124 -36.97 8.19 19.23
C GLN D 124 -37.29 7.56 20.59
N VAL D 125 -36.27 7.48 21.45
CA VAL D 125 -36.43 6.92 22.78
C VAL D 125 -36.50 8.09 23.76
N THR D 126 -37.64 8.25 24.42
CA THR D 126 -37.88 9.35 25.34
C THR D 126 -37.93 8.82 26.76
N VAL D 127 -37.17 9.45 27.65
CA VAL D 127 -37.13 9.09 29.07
C VAL D 127 -37.36 10.35 29.88
N SER D 128 -38.22 10.27 30.89
CA SER D 128 -38.54 11.42 31.72
C SER D 128 -38.75 11.01 33.17
N GLU E 176 40.58 -42.39 -4.86
CA GLU E 176 41.09 -42.62 -3.52
C GLU E 176 40.92 -41.39 -2.65
N VAL E 177 41.93 -41.10 -1.83
CA VAL E 177 41.92 -39.90 -1.02
C VAL E 177 41.90 -38.66 -1.90
N GLN E 178 42.71 -38.67 -2.97
CA GLN E 178 42.71 -37.54 -3.89
C GLN E 178 41.35 -37.34 -4.53
N ALA E 179 40.69 -38.43 -4.94
CA ALA E 179 39.36 -38.31 -5.55
C ALA E 179 38.33 -37.80 -4.55
N SER E 180 38.40 -38.28 -3.30
CA SER E 180 37.46 -37.81 -2.28
C SER E 180 37.65 -36.32 -2.01
N LEU E 181 38.90 -35.88 -1.88
CA LEU E 181 39.16 -34.46 -1.71
C LEU E 181 38.68 -33.66 -2.91
N TYR E 182 38.91 -34.18 -4.12
CA TYR E 182 38.46 -33.47 -5.32
C TYR E 182 36.95 -33.31 -5.33
N SER E 183 36.22 -34.36 -4.95
CA SER E 183 34.77 -34.27 -4.90
C SER E 183 34.30 -33.27 -3.83
N LEU E 184 34.91 -33.32 -2.65
CA LEU E 184 34.53 -32.39 -1.59
C LEU E 184 34.80 -30.94 -1.99
N MET E 185 35.90 -30.71 -2.70
CA MET E 185 36.28 -29.36 -3.12
C MET E 185 35.44 -28.87 -4.28
N SER E 186 35.11 -29.76 -5.23
CA SER E 186 34.18 -29.41 -6.29
C SER E 186 32.80 -29.14 -5.75
N LEU E 187 32.45 -29.71 -4.59
CA LEU E 187 31.21 -29.32 -3.93
C LEU E 187 31.21 -27.83 -3.62
N ILE E 188 32.30 -27.32 -3.06
CA ILE E 188 32.40 -25.89 -2.78
C ILE E 188 32.44 -25.09 -4.08
N ILE E 189 33.11 -25.61 -5.11
CA ILE E 189 33.12 -24.92 -6.41
C ILE E 189 31.69 -24.72 -6.92
N LEU E 190 30.92 -25.80 -6.93
CA LEU E 190 29.54 -25.74 -7.45
C LEU E 190 28.67 -24.86 -6.57
N ALA E 191 28.82 -24.96 -5.24
CA ALA E 191 28.06 -24.11 -4.35
C ALA E 191 28.32 -22.64 -4.63
N THR E 192 29.60 -22.26 -4.72
CA THR E 192 29.95 -20.88 -5.03
C THR E 192 29.34 -20.44 -6.36
N LEU E 193 29.57 -21.23 -7.42
CA LEU E 193 29.12 -20.84 -8.75
C LEU E 193 27.61 -20.68 -8.80
N VAL E 194 26.87 -21.69 -8.35
CA VAL E 194 25.42 -21.64 -8.43
C VAL E 194 24.86 -20.54 -7.54
N GLY E 195 25.34 -20.43 -6.30
CA GLY E 195 24.81 -19.41 -5.42
C GLY E 195 25.04 -18.00 -5.94
N ASN E 196 26.21 -17.77 -6.54
CA ASN E 196 26.48 -16.44 -7.08
C ASN E 196 25.71 -16.17 -8.37
N LEU E 197 25.54 -17.17 -9.23
CA LEU E 197 24.72 -16.97 -10.41
C LEU E 197 23.28 -16.64 -10.03
N ILE E 198 22.74 -17.33 -9.03
CA ILE E 198 21.37 -17.04 -8.60
C ILE E 198 21.26 -15.58 -8.16
N VAL E 199 22.20 -15.11 -7.35
CA VAL E 199 22.13 -13.74 -6.85
C VAL E 199 22.29 -12.75 -7.98
N ILE E 200 23.26 -12.96 -8.87
CA ILE E 200 23.51 -12.00 -9.96
C ILE E 200 22.29 -11.92 -10.87
N ILE E 201 21.74 -13.07 -11.25
CA ILE E 201 20.59 -13.08 -12.15
C ILE E 201 19.37 -12.46 -11.49
N SER E 202 19.16 -12.75 -10.20
CA SER E 202 18.02 -12.19 -9.49
C SER E 202 18.12 -10.68 -9.39
N ILE E 203 19.31 -10.16 -9.10
CA ILE E 203 19.47 -8.71 -8.98
C ILE E 203 19.35 -8.03 -10.33
N SER E 204 19.97 -8.60 -11.36
CA SER E 204 20.00 -7.92 -12.66
C SER E 204 18.65 -8.01 -13.38
N HIS E 205 18.01 -9.18 -13.32
CA HIS E 205 16.78 -9.38 -14.07
C HIS E 205 15.57 -8.78 -13.35
N PHE E 206 15.29 -9.25 -12.14
CA PHE E 206 14.19 -8.69 -11.35
C PHE E 206 14.46 -7.22 -11.09
N LYS E 207 13.44 -6.39 -11.35
CA LYS E 207 13.63 -4.94 -11.33
C LYS E 207 13.16 -4.29 -10.04
N GLN E 208 12.41 -4.99 -9.19
CA GLN E 208 12.13 -4.45 -7.86
C GLN E 208 13.35 -4.54 -6.95
N LEU E 209 14.28 -5.43 -7.26
CA LEU E 209 15.53 -5.55 -6.51
C LEU E 209 16.62 -4.70 -7.15
N HIS E 210 16.29 -3.42 -7.36
CA HIS E 210 17.21 -2.47 -7.97
C HIS E 210 17.51 -1.29 -7.06
N THR E 211 17.29 -1.42 -5.76
CA THR E 211 17.72 -0.40 -4.82
C THR E 211 19.25 -0.34 -4.79
N PRO E 212 19.82 0.80 -4.42
CA PRO E 212 21.29 0.90 -4.40
C PRO E 212 21.95 -0.09 -3.46
N THR E 213 21.31 -0.45 -2.34
CA THR E 213 21.89 -1.42 -1.43
C THR E 213 22.01 -2.80 -2.07
N ASN E 214 21.24 -3.06 -3.13
CA ASN E 214 21.24 -4.39 -3.79
C ASN E 214 22.35 -4.42 -4.84
N TRP E 215 22.98 -3.29 -5.14
CA TRP E 215 24.12 -3.32 -6.05
C TRP E 215 25.40 -3.76 -5.35
N LEU E 216 25.52 -3.49 -4.05
CA LEU E 216 26.63 -4.07 -3.30
C LEU E 216 26.54 -5.59 -3.29
N LEU E 217 25.33 -6.12 -3.09
CA LEU E 217 25.15 -7.56 -3.14
C LEU E 217 25.47 -8.11 -4.52
N HIS E 218 25.04 -7.41 -5.57
CA HIS E 218 25.32 -7.84 -6.94
C HIS E 218 26.81 -7.86 -7.22
N SER E 219 27.52 -6.81 -6.82
CA SER E 219 28.96 -6.74 -7.05
C SER E 219 29.71 -7.79 -6.23
N MET E 220 29.29 -8.00 -4.98
CA MET E 220 29.92 -9.04 -4.15
C MET E 220 29.68 -10.42 -4.74
N ALA E 221 28.48 -10.66 -5.27
CA ALA E 221 28.22 -11.91 -5.94
C ALA E 221 29.08 -12.08 -7.19
N ILE E 222 29.31 -11.00 -7.94
CA ILE E 222 30.21 -11.06 -9.07
C ILE E 222 31.62 -11.41 -8.62
N VAL E 223 32.08 -10.79 -7.53
CA VAL E 223 33.42 -11.08 -7.01
C VAL E 223 33.54 -12.54 -6.62
N ASP E 224 32.55 -13.05 -5.90
CA ASP E 224 32.60 -14.44 -5.45
C ASP E 224 32.51 -15.41 -6.62
N PHE E 225 31.69 -15.09 -7.63
CA PHE E 225 31.64 -15.93 -8.82
C PHE E 225 32.98 -15.94 -9.55
N LEU E 226 33.61 -14.78 -9.69
CA LEU E 226 34.91 -14.73 -10.34
C LEU E 226 35.92 -15.56 -9.55
N LEU E 227 35.88 -15.46 -8.23
CA LEU E 227 36.79 -16.27 -7.41
C LEU E 227 36.54 -17.76 -7.64
N GLY E 228 35.30 -18.21 -7.49
CA GLY E 228 34.94 -19.61 -7.63
C GLY E 228 34.99 -20.14 -9.04
N CYS E 229 35.18 -19.28 -10.04
CA CYS E 229 35.36 -19.72 -11.41
C CYS E 229 36.80 -19.64 -11.90
N LEU E 230 37.62 -18.76 -11.33
CA LEU E 230 38.99 -18.58 -11.78
C LEU E 230 40.01 -19.19 -10.84
N ILE E 231 39.93 -18.90 -9.53
CA ILE E 231 40.99 -19.26 -8.61
C ILE E 231 40.68 -20.59 -7.92
N MET E 232 39.51 -20.68 -7.32
CA MET E 232 39.13 -21.85 -6.53
C MET E 232 39.23 -23.14 -7.33
N PRO E 233 38.67 -23.23 -8.55
CA PRO E 233 38.92 -24.44 -9.35
C PRO E 233 40.37 -24.65 -9.72
N CYS E 234 41.13 -23.56 -9.93
CA CYS E 234 42.53 -23.69 -10.29
C CYS E 234 43.37 -24.10 -9.08
N SER E 235 43.09 -23.53 -7.91
CA SER E 235 43.79 -23.92 -6.70
C SER E 235 43.36 -25.28 -6.17
N MET E 236 42.22 -25.79 -6.64
CA MET E 236 41.76 -27.10 -6.20
C MET E 236 42.76 -28.19 -6.57
N VAL E 237 43.28 -28.15 -7.80
CA VAL E 237 44.30 -29.12 -8.19
C VAL E 237 45.63 -28.81 -7.53
N ARG E 238 45.92 -27.52 -7.29
CA ARG E 238 47.18 -27.15 -6.65
C ARG E 238 47.28 -27.76 -5.25
N THR E 239 46.20 -27.67 -4.47
CA THR E 239 46.23 -28.23 -3.13
C THR E 239 46.41 -29.74 -3.14
N VAL E 240 45.71 -30.43 -4.04
CA VAL E 240 45.77 -31.89 -4.06
C VAL E 240 47.14 -32.37 -4.52
N GLU E 241 47.65 -31.81 -5.61
CA GLU E 241 48.93 -32.25 -6.15
C GLU E 241 50.13 -31.62 -5.47
N ARG E 242 49.93 -30.56 -4.69
CA ARG E 242 51.01 -29.88 -3.97
C ARG E 242 52.12 -29.43 -4.90
N CYS E 243 51.78 -29.09 -6.14
CA CYS E 243 52.77 -28.68 -7.12
C CYS E 243 52.09 -27.84 -8.19
N TRP E 244 52.78 -26.80 -8.64
CA TRP E 244 52.28 -25.91 -9.69
C TRP E 244 53.01 -26.22 -10.99
N TYR E 245 52.25 -26.55 -12.03
CA TYR E 245 52.86 -26.88 -13.32
C TYR E 245 52.30 -26.01 -14.43
N PHE E 246 52.20 -24.70 -14.18
CA PHE E 246 51.65 -23.76 -15.19
C PHE E 246 52.59 -22.58 -15.39
N GLY E 247 53.82 -22.65 -14.87
CA GLY E 247 54.78 -21.58 -15.06
C GLY E 247 54.75 -20.56 -13.94
N GLU E 248 55.85 -19.80 -13.85
CA GLU E 248 55.94 -18.78 -12.81
C GLU E 248 55.06 -17.58 -13.10
N ILE E 249 54.96 -17.19 -14.38
CA ILE E 249 54.17 -16.02 -14.75
C ILE E 249 52.70 -16.25 -14.42
N LEU E 250 52.17 -17.42 -14.81
CA LEU E 250 50.77 -17.70 -14.53
C LEU E 250 50.54 -18.00 -13.05
N CYS E 251 51.57 -18.49 -12.35
CA CYS E 251 51.48 -18.60 -10.90
C CYS E 251 51.30 -17.23 -10.26
N LYS E 252 52.09 -16.24 -10.71
CA LYS E 252 51.94 -14.88 -10.20
C LYS E 252 50.58 -14.31 -10.56
N VAL E 253 50.10 -14.58 -11.77
CA VAL E 253 48.78 -14.11 -12.18
C VAL E 253 47.69 -14.71 -11.31
N HIS E 254 47.79 -16.02 -11.04
CA HIS E 254 46.82 -16.69 -10.18
C HIS E 254 46.82 -16.12 -8.78
N THR E 255 48.01 -15.90 -8.21
CA THR E 255 48.10 -15.32 -6.87
C THR E 255 47.52 -13.91 -6.86
N SER E 256 47.81 -13.12 -7.91
CA SER E 256 47.26 -11.77 -8.00
C SER E 256 45.74 -11.78 -8.03
N THR E 257 45.17 -12.64 -8.86
CA THR E 257 43.71 -12.72 -8.95
C THR E 257 43.11 -13.20 -7.65
N ASP E 258 43.74 -14.18 -6.99
CA ASP E 258 43.23 -14.67 -5.68
C ASP E 258 43.20 -13.50 -4.70
N ILE E 259 44.34 -12.84 -4.50
CA ILE E 259 44.37 -11.77 -3.51
C ILE E 259 43.38 -10.67 -3.87
N MET E 260 43.32 -10.29 -5.15
CA MET E 260 42.38 -9.28 -5.61
C MET E 260 40.95 -9.65 -5.23
N LEU E 261 40.53 -10.86 -5.60
CA LEU E 261 39.13 -11.23 -5.41
C LEU E 261 38.79 -11.44 -3.94
N SER E 262 39.71 -12.02 -3.17
CA SER E 262 39.45 -12.19 -1.75
C SER E 262 39.32 -10.84 -1.04
N SER E 263 40.27 -9.93 -1.30
CA SER E 263 40.17 -8.61 -0.69
C SER E 263 38.95 -7.85 -1.18
N ALA E 264 38.56 -8.03 -2.44
CA ALA E 264 37.36 -7.38 -2.95
C ALA E 264 36.12 -7.90 -2.24
N SER E 265 36.05 -9.20 -2.00
CA SER E 265 34.91 -9.77 -1.29
C SER E 265 34.84 -9.26 0.14
N ILE E 266 36.00 -9.18 0.81
CA ILE E 266 36.01 -8.68 2.19
C ILE E 266 35.64 -7.20 2.23
N PHE E 267 36.11 -6.42 1.25
CA PHE E 267 35.74 -5.03 1.16
C PHE E 267 34.25 -4.88 0.92
N HIS E 268 33.68 -5.75 0.09
CA HIS E 268 32.24 -5.72 -0.16
C HIS E 268 31.46 -6.06 1.10
N LEU E 269 31.96 -7.01 1.89
CA LEU E 269 31.33 -7.29 3.18
C LEU E 269 31.37 -6.05 4.07
N ALA E 270 32.51 -5.37 4.12
CA ALA E 270 32.64 -4.16 4.93
C ALA E 270 31.67 -3.08 4.46
N PHE E 271 31.51 -2.93 3.14
CA PHE E 271 30.63 -1.89 2.63
C PHE E 271 29.16 -2.23 2.79
N ILE E 272 28.79 -3.51 2.69
CA ILE E 272 27.43 -3.92 3.01
C ILE E 272 27.14 -3.67 4.48
N SER E 273 28.14 -3.90 5.34
CA SER E 273 27.97 -3.60 6.75
C SER E 273 27.80 -2.10 6.98
N ILE E 274 28.57 -1.28 6.25
CA ILE E 274 28.41 0.16 6.34
C ILE E 274 27.01 0.58 5.86
N ASP E 275 26.49 -0.09 4.83
CA ASP E 275 25.13 0.18 4.39
C ASP E 275 24.12 -0.16 5.48
N ARG E 276 24.24 -1.30 6.17
CA ARG E 276 23.26 -1.57 7.26
C ARG E 276 23.50 -0.61 8.41
N TYR E 277 24.72 -0.15 8.64
CA TYR E 277 24.93 0.87 9.68
C TYR E 277 24.21 2.16 9.32
N CYS E 278 24.29 2.59 8.07
CA CYS E 278 23.60 3.79 7.65
C CYS E 278 22.09 3.61 7.73
N ALA E 279 21.58 2.42 7.37
CA ALA E 279 20.15 2.18 7.41
C ALA E 279 19.61 2.13 8.84
N VAL E 280 20.38 1.61 9.78
CA VAL E 280 19.90 1.38 11.14
C VAL E 280 20.21 2.56 12.06
N CYS E 281 21.45 3.05 12.08
CA CYS E 281 21.86 4.12 12.97
C CYS E 281 21.27 5.46 12.60
N ASP E 282 21.20 5.78 11.30
CA ASP E 282 20.73 7.07 10.81
C ASP E 282 19.62 6.79 9.80
N PRO E 283 18.41 6.46 10.28
CA PRO E 283 17.36 5.99 9.36
C PRO E 283 16.73 7.08 8.52
N LEU E 284 16.68 8.33 9.00
CA LEU E 284 15.98 9.40 8.31
C LEU E 284 16.82 10.03 7.21
N ARG E 285 18.07 9.62 7.05
CA ARG E 285 18.90 10.10 5.95
C ARG E 285 19.55 8.93 5.23
N TYR E 286 18.91 7.76 5.24
CA TYR E 286 19.49 6.58 4.62
C TYR E 286 19.58 6.73 3.11
N LYS E 287 18.49 7.19 2.48
CA LYS E 287 18.48 7.37 1.03
C LYS E 287 19.30 8.58 0.59
N ALA E 288 19.63 9.49 1.50
CA ALA E 288 20.50 10.60 1.18
C ALA E 288 21.97 10.28 1.35
N LYS E 289 22.30 9.13 1.94
CA LYS E 289 23.68 8.68 2.09
C LYS E 289 24.00 7.44 1.28
N ILE E 290 23.06 6.49 1.19
CA ILE E 290 23.27 5.31 0.38
C ILE E 290 22.41 5.40 -0.87
N ASN E 291 22.98 5.94 -1.94
CA ASN E 291 22.32 6.07 -3.23
C ASN E 291 23.18 5.41 -4.29
N ILE E 292 22.79 5.58 -5.55
CA ILE E 292 23.51 4.93 -6.65
C ILE E 292 24.94 5.45 -6.73
N SER E 293 25.15 6.75 -6.57
CA SER E 293 26.50 7.31 -6.67
C SER E 293 27.41 6.75 -5.58
N THR E 294 26.94 6.74 -4.33
CA THR E 294 27.74 6.23 -3.24
C THR E 294 28.03 4.74 -3.41
N ILE E 295 27.04 3.98 -3.84
CA ILE E 295 27.22 2.54 -4.03
C ILE E 295 28.22 2.28 -5.15
N LEU E 296 28.16 3.06 -6.23
CA LEU E 296 29.12 2.91 -7.31
C LEU E 296 30.53 3.27 -6.83
N VAL E 297 30.65 4.31 -6.00
CA VAL E 297 31.97 4.65 -5.46
C VAL E 297 32.51 3.50 -4.61
N MET E 298 31.65 2.92 -3.76
CA MET E 298 32.06 1.79 -2.93
C MET E 298 32.50 0.60 -3.79
N ILE E 299 31.74 0.30 -4.84
CA ILE E 299 32.08 -0.82 -5.72
C ILE E 299 33.39 -0.56 -6.44
N LEU E 300 33.58 0.66 -6.94
CA LEU E 300 34.81 0.99 -7.63
C LEU E 300 36.02 0.86 -6.71
N VAL E 301 35.88 1.33 -5.46
CA VAL E 301 36.98 1.13 -4.51
C VAL E 301 37.23 -0.35 -4.26
N SER E 302 36.16 -1.12 -4.02
CA SER E 302 36.30 -2.53 -3.68
C SER E 302 36.94 -3.33 -4.80
N TRP E 303 36.75 -2.89 -6.04
CA TRP E 303 37.40 -3.57 -7.16
C TRP E 303 38.82 -3.06 -7.41
N SER E 304 39.00 -1.74 -7.43
CA SER E 304 40.27 -1.16 -7.83
C SER E 304 41.36 -1.39 -6.78
N LEU E 305 41.06 -1.10 -5.51
CA LEU E 305 42.11 -1.11 -4.51
C LEU E 305 42.76 -2.48 -4.33
N PRO E 306 42.01 -3.59 -4.18
CA PRO E 306 42.68 -4.89 -4.15
C PRO E 306 43.47 -5.19 -5.40
N ALA E 307 42.98 -4.79 -6.58
CA ALA E 307 43.69 -5.06 -7.82
C ALA E 307 45.05 -4.38 -7.82
N VAL E 308 45.07 -3.07 -7.56
CA VAL E 308 46.32 -2.34 -7.53
C VAL E 308 47.24 -2.91 -6.46
N TYR E 309 46.67 -3.15 -5.27
CA TYR E 309 47.49 -3.66 -4.14
C TYR E 309 48.18 -4.98 -4.53
N ALA E 310 47.43 -5.96 -5.02
CA ALA E 310 48.01 -7.27 -5.31
C ALA E 310 48.98 -7.21 -6.49
N PHE E 311 48.55 -6.58 -7.59
CA PHE E 311 49.37 -6.57 -8.79
C PHE E 311 50.59 -5.65 -8.65
N GLY E 312 50.60 -4.74 -7.68
CA GLY E 312 51.81 -3.99 -7.40
C GLY E 312 52.61 -4.51 -6.25
N MET E 313 52.09 -5.47 -5.50
CA MET E 313 52.83 -6.09 -4.41
C MET E 313 53.56 -7.35 -4.83
N ILE E 314 52.91 -8.25 -5.57
CA ILE E 314 53.55 -9.54 -5.80
C ILE E 314 54.26 -9.57 -7.15
N PHE E 315 53.74 -8.85 -8.15
CA PHE E 315 54.48 -8.70 -9.40
C PHE E 315 55.77 -7.91 -9.17
N LEU E 316 55.73 -6.91 -8.31
CA LEU E 316 56.94 -6.22 -7.88
C LEU E 316 57.69 -6.99 -6.81
N GLU E 317 57.17 -8.13 -6.38
CA GLU E 317 57.82 -9.01 -5.41
C GLU E 317 58.03 -8.32 -4.06
N LEU E 318 57.13 -7.40 -3.70
CA LEU E 318 57.20 -6.80 -2.37
C LEU E 318 56.96 -7.83 -1.28
N ASN E 319 56.01 -8.76 -1.51
CA ASN E 319 55.77 -9.81 -0.54
C ASN E 319 56.98 -10.73 -0.41
N LEU E 320 57.65 -11.03 -1.53
CA LEU E 320 58.81 -11.90 -1.52
C LEU E 320 60.09 -11.17 -1.13
N LYS E 321 60.06 -9.84 -1.06
CA LYS E 321 61.26 -9.08 -0.76
C LYS E 321 61.76 -9.38 0.65
N GLY E 322 63.06 -9.62 0.76
CA GLY E 322 63.72 -9.88 2.01
C GLY E 322 63.90 -11.35 2.34
N VAL E 323 63.05 -12.22 1.78
CA VAL E 323 63.12 -13.65 2.06
C VAL E 323 63.17 -14.43 0.76
N GLU E 324 63.74 -13.82 -0.29
CA GLU E 324 63.80 -14.48 -1.59
C GLU E 324 64.62 -15.76 -1.52
N GLU E 325 65.77 -15.72 -0.84
CA GLU E 325 66.61 -16.91 -0.73
C GLU E 325 65.90 -18.03 0.02
N LEU E 326 65.23 -17.70 1.13
CA LEU E 326 64.47 -18.71 1.85
C LEU E 326 63.31 -19.24 1.01
N TYR E 327 62.60 -18.33 0.33
CA TYR E 327 61.46 -18.74 -0.48
C TYR E 327 61.86 -19.68 -1.60
N ARG E 328 63.01 -19.41 -2.24
CA ARG E 328 63.49 -20.30 -3.30
C ARG E 328 63.53 -21.74 -2.84
N SER E 329 64.30 -22.02 -1.78
CA SER E 329 64.43 -23.38 -1.29
C SER E 329 63.10 -23.92 -0.78
N GLN E 330 62.31 -23.09 -0.07
CA GLN E 330 61.12 -23.61 0.60
C GLN E 330 60.03 -23.98 -0.38
N VAL E 331 59.81 -23.16 -1.42
CA VAL E 331 58.68 -23.32 -2.33
C VAL E 331 59.15 -23.52 -3.77
N SER E 332 60.06 -22.66 -4.24
CA SER E 332 60.43 -22.70 -5.65
C SER E 332 61.12 -24.01 -6.01
N ASP E 333 61.97 -24.52 -5.12
CA ASP E 333 62.60 -25.82 -5.36
C ASP E 333 61.57 -26.93 -5.40
N LEU E 334 60.49 -26.81 -4.63
CA LEU E 334 59.41 -27.79 -4.65
C LEU E 334 58.38 -27.51 -5.74
N GLY E 335 58.53 -26.42 -6.49
CA GLY E 335 57.59 -26.08 -7.55
C GLY E 335 56.20 -25.72 -7.06
N GLY E 336 56.11 -24.98 -5.96
CA GLY E 336 54.82 -24.58 -5.43
C GLY E 336 54.41 -23.18 -5.85
N CYS E 337 53.11 -22.92 -5.72
CA CYS E 337 52.51 -21.63 -6.04
C CYS E 337 51.88 -21.00 -4.81
N SER E 338 52.31 -21.41 -3.62
CA SER E 338 51.76 -20.89 -2.37
C SER E 338 52.31 -19.49 -2.12
N PRO E 339 51.45 -18.48 -1.95
CA PRO E 339 51.94 -17.13 -1.65
C PRO E 339 52.83 -17.08 -0.42
N PHE E 340 53.92 -16.33 -0.50
CA PHE E 340 54.86 -16.17 0.59
C PHE E 340 54.96 -14.71 0.99
N PHE E 341 54.85 -14.47 2.29
CA PHE E 341 54.85 -13.07 2.79
C PHE E 341 55.98 -12.87 3.80
N SER E 342 56.67 -11.74 3.71
CA SER E 342 57.74 -11.39 4.62
C SER E 342 57.15 -10.75 5.88
N LYS E 343 58.02 -10.26 6.76
CA LYS E 343 57.56 -9.70 8.03
C LYS E 343 56.68 -8.48 7.82
N VAL E 344 57.18 -7.49 7.05
CA VAL E 344 56.40 -6.29 6.79
C VAL E 344 55.24 -6.61 5.85
N SER E 345 55.49 -7.42 4.83
CA SER E 345 54.46 -7.70 3.84
C SER E 345 53.29 -8.48 4.43
N GLY E 346 53.58 -9.44 5.32
CA GLY E 346 52.50 -10.17 5.97
C GLY E 346 51.63 -9.27 6.83
N VAL E 347 52.25 -8.36 7.58
CA VAL E 347 51.48 -7.42 8.38
C VAL E 347 50.67 -6.50 7.48
N LEU E 348 51.24 -6.07 6.36
CA LEU E 348 50.49 -5.22 5.43
C LEU E 348 49.29 -5.96 4.86
N ALA E 349 49.47 -7.23 4.48
CA ALA E 349 48.35 -8.01 3.97
C ALA E 349 47.27 -8.18 5.02
N PHE E 350 47.67 -8.45 6.27
CA PHE E 350 46.70 -8.54 7.35
C PHE E 350 45.92 -7.24 7.51
N MET E 351 46.63 -6.12 7.66
CA MET E 351 46.02 -4.82 7.88
C MET E 351 45.25 -4.31 6.67
N THR E 352 45.43 -4.91 5.49
CA THR E 352 44.70 -4.49 4.31
C THR E 352 43.62 -5.45 3.85
N SER E 353 43.54 -6.66 4.42
CA SER E 353 42.49 -7.59 4.02
C SER E 353 41.68 -8.17 5.16
N PHE E 354 42.16 -8.13 6.40
CA PHE E 354 41.40 -8.65 7.53
C PHE E 354 41.04 -7.58 8.55
N TYR E 355 42.01 -6.79 9.03
CA TYR E 355 41.76 -5.92 10.16
C TYR E 355 40.98 -4.68 9.74
N ILE E 356 41.54 -3.87 8.84
CA ILE E 356 40.86 -2.65 8.40
C ILE E 356 39.48 -2.94 7.80
N PRO E 357 39.31 -3.91 6.91
CA PRO E 357 37.97 -4.22 6.41
C PRO E 357 37.17 -5.20 7.27
N GLY E 358 37.70 -5.63 8.40
CA GLY E 358 36.97 -6.52 9.29
C GLY E 358 36.67 -5.90 10.64
N SER E 359 37.57 -5.04 11.12
CA SER E 359 37.26 -4.31 12.35
C SER E 359 36.08 -3.38 12.15
N VAL E 360 35.98 -2.75 10.97
CA VAL E 360 34.82 -1.91 10.68
C VAL E 360 33.54 -2.73 10.72
N MET E 361 33.56 -3.91 10.10
CA MET E 361 32.36 -4.75 10.10
C MET E 361 32.00 -5.23 11.50
N LEU E 362 32.99 -5.64 12.29
CA LEU E 362 32.71 -6.07 13.66
C LEU E 362 32.14 -4.94 14.50
N PHE E 363 32.71 -3.73 14.37
CA PHE E 363 32.18 -2.58 15.10
C PHE E 363 30.75 -2.27 14.66
N VAL E 364 30.50 -2.31 13.35
CA VAL E 364 29.16 -2.02 12.84
C VAL E 364 28.15 -3.02 13.36
N TYR E 365 28.46 -4.31 13.29
CA TYR E 365 27.50 -5.31 13.75
C TYR E 365 27.38 -5.36 15.26
N TYR E 366 28.41 -4.99 16.01
CA TYR E 366 28.29 -4.85 17.46
C TYR E 366 27.34 -3.72 17.82
N ARG E 367 27.50 -2.56 17.18
CA ARG E 367 26.58 -1.45 17.42
C ARG E 367 25.17 -1.81 17.00
N ILE E 368 25.02 -2.49 15.85
CA ILE E 368 23.69 -2.88 15.38
C ILE E 368 23.06 -3.90 16.32
N TYR E 369 23.87 -4.81 16.88
CA TYR E 369 23.33 -5.77 17.83
C TYR E 369 22.79 -5.08 19.06
N PHE E 370 23.54 -4.11 19.61
CA PHE E 370 23.01 -3.38 20.75
C PHE E 370 21.76 -2.59 20.39
N ILE E 371 21.74 -1.95 19.23
CA ILE E 371 20.56 -1.16 18.85
C ILE E 371 19.34 -2.05 18.70
N ALA E 372 19.49 -3.19 18.02
CA ALA E 372 18.36 -4.09 17.82
C ALA E 372 17.92 -4.74 19.12
N LYS E 373 18.87 -5.07 20.02
CA LYS E 373 18.49 -5.57 21.33
C LYS E 373 17.68 -4.54 22.10
N GLY E 374 18.11 -3.27 22.08
CA GLY E 374 17.34 -2.23 22.75
C GLY E 374 15.96 -2.07 22.16
N GLN E 375 15.86 -2.08 20.83
CA GLN E 375 14.56 -1.94 20.18
C GLN E 375 13.64 -3.11 20.52
N ALA E 376 14.16 -4.34 20.49
CA ALA E 376 13.34 -5.50 20.81
C ALA E 376 12.89 -5.47 22.27
N ARG E 377 13.79 -5.08 23.18
CA ARG E 377 13.42 -4.98 24.58
C ARG E 377 12.34 -3.92 24.79
N SER E 378 12.47 -2.77 24.10
CA SER E 378 11.45 -1.74 24.22
C SER E 378 10.10 -2.21 23.68
N ILE E 379 10.11 -2.91 22.54
CA ILE E 379 8.88 -3.40 21.95
C ILE E 379 8.21 -4.41 22.88
N ASN E 380 9.00 -5.32 23.46
CA ASN E 380 8.43 -6.26 24.42
C ASN E 380 7.94 -5.57 25.68
N ARG E 381 8.60 -4.47 26.07
CA ARG E 381 8.15 -3.72 27.24
C ARG E 381 6.79 -3.07 27.01
N THR E 382 6.61 -2.46 25.83
CA THR E 382 5.33 -1.81 25.54
C THR E 382 4.19 -2.82 25.47
N ASN E 383 4.43 -3.97 24.85
CA ASN E 383 3.41 -5.01 24.74
C ASN E 383 3.62 -6.09 25.80
N GLU E 399 11.36 -11.84 21.41
CA GLU E 399 12.52 -12.69 21.23
C GLU E 399 13.77 -11.86 20.99
N THR E 400 14.87 -12.54 20.62
CA THR E 400 16.11 -11.85 20.26
C THR E 400 16.54 -12.41 18.91
N LYS E 401 15.98 -11.86 17.83
CA LYS E 401 16.30 -12.31 16.49
C LYS E 401 17.54 -11.63 15.92
N ALA E 402 18.06 -10.61 16.60
CA ALA E 402 19.30 -9.95 16.20
C ALA E 402 20.52 -10.80 16.53
N ALA E 403 20.30 -12.01 17.03
CA ALA E 403 21.37 -12.99 17.21
C ALA E 403 21.40 -14.05 16.13
N LYS E 404 20.27 -14.49 15.59
CA LYS E 404 20.27 -15.42 14.47
C LYS E 404 20.65 -14.75 13.15
N THR E 405 20.69 -13.42 13.11
CA THR E 405 21.19 -12.73 11.92
C THR E 405 22.66 -12.36 12.07
N LEU E 406 22.99 -11.57 13.09
CA LEU E 406 24.34 -11.12 13.36
C LEU E 406 25.21 -12.21 13.96
N GLY E 407 24.65 -13.38 14.21
CA GLY E 407 25.44 -14.50 14.64
C GLY E 407 26.09 -15.14 13.44
N ILE E 408 25.29 -15.52 12.46
CA ILE E 408 25.83 -16.06 11.21
C ILE E 408 26.62 -15.02 10.41
N MET E 409 26.10 -13.79 10.27
CA MET E 409 26.80 -12.81 9.42
C MET E 409 28.19 -12.49 9.94
N VAL E 410 28.47 -12.76 11.21
CA VAL E 410 29.81 -12.56 11.75
C VAL E 410 30.57 -13.89 11.85
N GLY E 411 29.88 -14.96 12.24
CA GLY E 411 30.55 -16.24 12.45
C GLY E 411 31.05 -16.86 11.15
N VAL E 412 30.28 -16.75 10.07
CA VAL E 412 30.74 -17.29 8.79
C VAL E 412 32.04 -16.63 8.39
N PHE E 413 32.08 -15.30 8.43
CA PHE E 413 33.29 -14.56 8.08
C PHE E 413 34.45 -14.93 9.00
N LEU E 414 34.19 -14.97 10.30
CA LEU E 414 35.28 -15.25 11.24
C LEU E 414 35.83 -16.65 11.05
N VAL E 415 34.97 -17.67 11.08
CA VAL E 415 35.42 -19.04 10.93
C VAL E 415 36.08 -19.28 9.57
N CYS E 416 35.70 -18.53 8.54
CA CYS E 416 36.25 -18.75 7.22
C CYS E 416 37.50 -17.94 6.92
N TRP E 417 37.75 -16.83 7.63
CA TRP E 417 38.92 -16.01 7.32
C TRP E 417 39.93 -15.92 8.45
N CYS E 418 39.49 -15.83 9.70
CA CYS E 418 40.41 -15.74 10.83
C CYS E 418 41.46 -16.85 10.86
N PRO E 419 41.11 -18.13 10.68
CA PRO E 419 42.16 -19.17 10.70
C PRO E 419 43.27 -18.95 9.68
N PHE E 420 42.93 -18.48 8.49
CA PHE E 420 43.95 -18.22 7.49
C PHE E 420 44.80 -17.00 7.85
N PHE E 421 44.15 -15.89 8.20
CA PHE E 421 44.88 -14.63 8.33
C PHE E 421 45.73 -14.60 9.60
N LEU E 422 45.20 -15.09 10.72
CA LEU E 422 45.98 -15.07 11.96
C LEU E 422 47.20 -15.99 11.84
N CYS E 423 47.09 -17.08 11.08
CA CYS E 423 48.24 -17.93 10.86
C CYS E 423 49.23 -17.28 9.88
N THR E 424 48.71 -16.65 8.82
CA THR E 424 49.60 -16.08 7.81
C THR E 424 50.38 -14.90 8.35
N VAL E 425 49.74 -14.06 9.17
CA VAL E 425 50.46 -12.93 9.75
C VAL E 425 51.52 -13.41 10.72
N LEU E 426 51.30 -14.55 11.39
CA LEU E 426 52.27 -15.08 12.33
C LEU E 426 53.35 -15.90 11.65
N ASP E 427 53.14 -16.30 10.39
CA ASP E 427 54.17 -17.06 9.67
C ASP E 427 55.53 -16.40 9.67
N PRO E 428 55.68 -15.11 9.31
CA PRO E 428 57.01 -14.50 9.39
C PRO E 428 57.56 -14.41 10.80
N PHE E 429 56.70 -14.26 11.79
CA PHE E 429 57.11 -14.09 13.18
C PHE E 429 57.26 -15.41 13.92
N LEU E 430 57.04 -16.54 13.26
CA LEU E 430 57.15 -17.85 13.89
C LEU E 430 58.20 -18.75 13.26
N GLY E 431 58.53 -18.57 11.99
CA GLY E 431 59.53 -19.37 11.33
C GLY E 431 59.06 -20.24 10.19
N TYR E 432 57.81 -20.10 9.75
CA TYR E 432 57.25 -20.86 8.63
C TYR E 432 57.35 -22.37 8.89
N VAL E 433 56.63 -22.81 9.93
CA VAL E 433 56.65 -24.21 10.35
C VAL E 433 55.32 -24.90 10.10
N ILE E 434 54.30 -24.15 9.65
CA ILE E 434 52.98 -24.74 9.42
C ILE E 434 53.02 -25.63 8.18
N PRO E 435 52.51 -26.86 8.24
CA PRO E 435 52.56 -27.76 7.09
C PRO E 435 51.73 -27.24 5.94
N PRO E 436 52.10 -27.61 4.70
CA PRO E 436 51.31 -27.15 3.54
C PRO E 436 49.86 -27.57 3.57
N SER E 437 49.54 -28.75 4.13
CA SER E 437 48.16 -29.20 4.15
C SER E 437 47.28 -28.30 5.01
N LEU E 438 47.77 -27.90 6.19
CA LEU E 438 46.99 -26.99 7.01
C LEU E 438 46.86 -25.62 6.36
N ASN E 439 47.92 -25.18 5.66
CA ASN E 439 47.83 -23.93 4.93
C ASN E 439 46.78 -24.00 3.84
N ASP E 440 46.68 -25.13 3.15
CA ASP E 440 45.65 -25.31 2.14
C ASP E 440 44.26 -25.31 2.76
N ALA E 441 44.11 -25.93 3.94
CA ALA E 441 42.83 -25.88 4.64
C ALA E 441 42.46 -24.45 5.01
N LEU E 442 43.45 -23.67 5.45
CA LEU E 442 43.20 -22.26 5.75
C LEU E 442 42.78 -21.49 4.50
N TYR E 443 43.41 -21.78 3.37
CA TYR E 443 43.02 -21.14 2.12
C TYR E 443 41.59 -21.49 1.75
N TRP E 444 41.21 -22.74 1.89
CA TRP E 444 39.87 -23.14 1.48
C TRP E 444 38.79 -22.78 2.48
N PHE E 445 39.15 -22.44 3.73
CA PHE E 445 38.18 -21.74 4.57
C PHE E 445 37.78 -20.40 3.96
N GLY E 446 38.77 -19.60 3.56
CA GLY E 446 38.47 -18.35 2.89
C GLY E 446 37.74 -18.55 1.58
N TYR E 447 37.96 -19.65 0.90
CA TYR E 447 37.24 -19.91 -0.37
C TYR E 447 35.81 -20.31 -0.05
N LEU E 448 35.60 -21.06 1.02
CA LEU E 448 34.25 -21.39 1.44
C LEU E 448 33.48 -20.17 1.91
N ASN E 449 34.19 -19.12 2.36
CA ASN E 449 33.50 -17.89 2.69
C ASN E 449 32.76 -17.34 1.47
N SER E 450 33.37 -17.42 0.29
CA SER E 450 32.72 -16.96 -0.93
C SER E 450 31.56 -17.85 -1.34
N ALA E 451 31.53 -19.12 -0.92
CA ALA E 451 30.37 -19.96 -1.14
C ALA E 451 29.23 -19.64 -0.18
N LEU E 452 29.55 -19.34 1.07
CA LEU E 452 28.54 -19.03 2.07
C LEU E 452 28.01 -17.60 1.99
N ASN E 453 28.77 -16.69 1.38
CA ASN E 453 28.33 -15.29 1.32
C ASN E 453 27.01 -15.11 0.59
N PRO E 454 26.80 -15.67 -0.61
CA PRO E 454 25.49 -15.49 -1.26
C PRO E 454 24.34 -15.97 -0.41
N MET E 455 24.48 -17.13 0.24
CA MET E 455 23.43 -17.62 1.11
C MET E 455 23.15 -16.64 2.24
N VAL E 456 24.17 -16.33 3.04
CA VAL E 456 23.99 -15.52 4.24
C VAL E 456 23.44 -14.15 3.90
N TYR E 457 23.89 -13.55 2.80
CA TYR E 457 23.50 -12.18 2.48
C TYR E 457 22.32 -12.06 1.53
N ALA E 458 21.83 -13.16 0.95
CA ALA E 458 20.62 -12.98 0.16
C ALA E 458 19.48 -13.89 0.57
N PHE E 459 19.75 -15.18 0.82
CA PHE E 459 18.67 -16.12 1.05
C PHE E 459 18.17 -16.09 2.48
N PHE E 460 18.98 -15.58 3.41
CA PHE E 460 18.53 -15.44 4.79
C PHE E 460 17.42 -14.40 4.91
N TYR E 461 17.36 -13.46 3.97
CA TYR E 461 16.42 -12.35 4.03
C TYR E 461 15.16 -12.65 3.22
N PRO E 462 13.98 -12.60 3.84
CA PRO E 462 12.75 -12.93 3.11
C PRO E 462 12.46 -12.01 1.92
N TRP E 463 12.89 -10.76 1.96
CA TRP E 463 12.65 -9.87 0.83
C TRP E 463 13.35 -10.32 -0.44
N PHE E 464 14.34 -11.20 -0.33
CA PHE E 464 14.96 -11.78 -1.52
C PHE E 464 14.28 -13.08 -1.92
N ARG E 465 13.92 -13.91 -0.93
CA ARG E 465 13.26 -15.18 -1.22
C ARG E 465 11.89 -14.96 -1.86
N ARG E 466 11.17 -13.93 -1.41
CA ARG E 466 9.87 -13.64 -1.99
C ARG E 466 9.98 -13.30 -3.46
N ALA E 467 10.97 -12.48 -3.84
CA ALA E 467 11.19 -12.17 -5.24
C ALA E 467 11.71 -13.38 -6.02
N LEU E 468 12.47 -14.27 -5.38
CA LEU E 468 12.95 -15.47 -6.04
C LEU E 468 11.83 -16.48 -6.30
N LYS E 469 10.82 -16.54 -5.44
CA LYS E 469 9.77 -17.54 -5.55
C LYS E 469 8.66 -17.17 -6.52
N MET E 470 8.69 -15.98 -7.13
CA MET E 470 7.68 -15.64 -8.12
C MET E 470 7.75 -16.58 -9.32
N VAL E 471 8.96 -16.85 -9.81
CA VAL E 471 9.11 -17.80 -10.90
C VAL E 471 8.75 -19.21 -10.44
C11 A1D8X F . 46.05 -12.80 0.72
C12 A1D8X F . 47.19 -14.94 -0.28
C13 A1D8X F . 43.44 -12.69 1.08
C14 A1D8X F . 44.82 -12.04 1.19
C05 A1D8X F . 44.41 -16.29 -0.49
C06 A1D8X F . 44.57 -14.87 0.07
C07 A1D8X F . 44.72 -17.32 0.56
C08 A1D8X F . 45.93 -14.20 0.17
C09 A1D8X F . 43.33 -14.11 0.52
C10 A1D8X F . 42.48 -17.33 0.25
F01 A1D8X F . 47.29 -12.21 0.82
N03 A1D8X F . 43.04 -16.53 -0.83
N04 A1D8X F . 41.11 -17.81 0.32
O02 A1D8X F . 43.47 -17.57 1.22
#